data_7V6D
#
_entry.id   7V6D
#
_cell.length_a   65.428
_cell.length_b   162.639
_cell.length_c   166.674
_cell.angle_alpha   90.000
_cell.angle_beta   90.000
_cell.angle_gamma   90.000
#
_symmetry.space_group_name_H-M   'I 2 2 2'
#
loop_
_entity.id
_entity.type
_entity.pdbx_description
1 polymer 'Lipase B'
2 branched 2-acetamido-2-deoxy-beta-D-glucopyranose-(1-4)-2-acetamido-2-deoxy-beta-D-glucopyranose
3 non-polymer 'CALCIUM ION'
4 water water
#
_entity_poly.entity_id   1
_entity_poly.type   'polypeptide(L)'
_entity_poly.pdbx_seq_one_letter_code
;APAPVPENGLEKRQSLSSVLSALSGLTEPTAILSQLEAVEATSTPTSVEQAQEQLEAIYGTTPTNIFENIAQQIADGLST
LTIVQALGFSPSGENSETNSNTREPSTTIYPKKSSSDAPYSITEEELRQAIYIPSDFTYGDKPPVIFVPGTGSYGGISFG
SNLRKLLTGVSYADPVWLNVPDALLRDAQTNGEFVAYAINYISGISGDANVSVVSWSQGGLDTQWAFTYWPSTRALVSDF
VPVSPDFHGTVLANVICLNPGAGGVGLGPCAPAVLQQEYNSNFVTALRAAGGADAYVPTTSVFSGFLDEIVQPQSGTGAS
AYINDARGVGTTNAEVQVVCKGKGPAGGFYTHESLLVNPLTYALLVDALTHDGPGSVDRLDLDTVCSTVVAPGLGLDALL
EIEGVNVLAAVNLLTYSDRRLAEPALMSYAA
;
_entity_poly.pdbx_strand_id   A,B
#
loop_
_chem_comp.id
_chem_comp.type
_chem_comp.name
_chem_comp.formula
CA non-polymer 'CALCIUM ION' 'Ca 2'
NAG D-saccharide, beta linking 2-acetamido-2-deoxy-beta-D-glucopyranose 'C8 H15 N O6'
#
# COMPACT_ATOMS: atom_id res chain seq x y z
N ASN A 65 10.10 27.10 4.78
CA ASN A 65 10.73 26.34 5.87
C ASN A 65 10.08 24.98 6.04
N ILE A 66 8.76 24.99 6.23
CA ILE A 66 7.98 23.76 6.19
C ILE A 66 8.27 23.00 4.90
N PHE A 67 8.59 23.72 3.83
CA PHE A 67 9.03 23.09 2.60
C PHE A 67 10.34 22.33 2.82
N GLU A 68 11.33 22.98 3.44
CA GLU A 68 12.61 22.33 3.67
C GLU A 68 12.45 21.05 4.46
N ASN A 69 11.52 21.02 5.42
CA ASN A 69 11.33 19.81 6.20
C ASN A 69 10.71 18.69 5.37
N ILE A 70 9.84 19.02 4.42
CA ILE A 70 9.26 17.99 3.57
C ILE A 70 10.28 17.48 2.57
N ALA A 71 11.06 18.38 1.97
CA ALA A 71 12.16 17.96 1.10
C ALA A 71 13.09 17.00 1.83
N GLN A 72 13.52 17.38 3.04
CA GLN A 72 14.41 16.51 3.80
C GLN A 72 13.73 15.21 4.22
N GLN A 73 12.43 15.23 4.44
CA GLN A 73 11.74 13.98 4.74
C GLN A 73 11.77 13.05 3.54
N ILE A 74 11.39 13.56 2.37
CA ILE A 74 11.38 12.75 1.16
C ILE A 74 12.76 12.21 0.85
N ALA A 75 13.80 13.07 0.92
CA ALA A 75 15.17 12.61 0.71
C ALA A 75 15.54 11.49 1.67
N ASP A 76 15.10 11.60 2.94
CA ASP A 76 15.42 10.55 3.89
C ASP A 76 14.64 9.28 3.60
N GLY A 77 13.39 9.41 3.12
CA GLY A 77 12.63 8.23 2.73
C GLY A 77 13.25 7.52 1.53
N LEU A 78 13.62 8.28 0.51
CA LEU A 78 14.18 7.68 -0.69
C LEU A 78 15.54 7.05 -0.43
N SER A 79 16.26 7.50 0.60
CA SER A 79 17.58 6.91 0.86
C SER A 79 17.48 5.50 1.39
N THR A 80 16.27 5.06 1.75
CA THR A 80 16.04 3.71 2.22
C THR A 80 15.75 2.74 1.08
N LEU A 81 15.56 3.23 -0.14
CA LEU A 81 15.39 2.37 -1.31
C LEU A 81 16.74 1.82 -1.74
N THR A 82 16.85 0.49 -1.84
CA THR A 82 18.13 -0.08 -2.26
C THR A 82 18.47 0.31 -3.70
N ILE A 83 17.48 0.57 -4.54
CA ILE A 83 17.79 1.05 -5.89
C ILE A 83 18.47 2.40 -5.83
N VAL A 84 18.07 3.25 -4.90
CA VAL A 84 18.74 4.54 -4.76
C VAL A 84 20.13 4.35 -4.14
N GLN A 85 20.27 3.41 -3.20
CA GLN A 85 21.57 3.16 -2.60
C GLN A 85 22.57 2.60 -3.61
N ALA A 86 22.08 1.87 -4.61
CA ALA A 86 22.94 1.38 -5.68
C ALA A 86 23.58 2.51 -6.46
N LEU A 87 22.90 3.66 -6.57
CA LEU A 87 23.49 4.84 -7.15
C LEU A 87 24.59 5.43 -6.30
N GLY A 88 24.87 4.87 -5.13
CA GLY A 88 25.93 5.36 -4.27
C GLY A 88 25.48 6.26 -3.15
N PHE A 89 24.18 6.44 -2.97
CA PHE A 89 23.72 7.16 -1.80
C PHE A 89 23.63 6.20 -0.61
N SER A 90 23.65 6.77 0.59
CA SER A 90 23.52 6.00 1.81
C SER A 90 22.23 6.36 2.53
N PRO A 91 21.71 5.47 3.37
CA PRO A 91 20.55 5.83 4.19
C PRO A 91 20.92 7.04 5.01
N SER A 92 20.04 8.03 5.01
CA SER A 92 20.34 9.33 5.59
C SER A 92 19.38 9.67 6.73
N GLY A 93 19.76 10.68 7.50
CA GLY A 93 18.91 11.12 8.58
C GLY A 93 18.79 10.04 9.65
N GLU A 94 17.56 9.82 10.11
CA GLU A 94 17.29 8.85 11.16
C GLU A 94 17.47 7.41 10.70
N ASN A 95 17.67 7.17 9.41
CA ASN A 95 17.90 5.84 8.88
C ASN A 95 19.37 5.55 8.63
N SER A 96 20.25 6.46 9.05
CA SER A 96 21.69 6.25 8.90
C SER A 96 22.13 4.92 9.50
N GLU A 97 22.84 4.13 8.71
CA GLU A 97 23.28 2.81 9.12
C GLU A 97 24.78 2.76 9.39
N THR A 98 25.43 3.93 9.52
CA THR A 98 26.87 4.02 9.83
C THR A 98 27.08 4.96 11.03
N ASN A 99 26.45 4.63 12.15
CA ASN A 99 26.55 5.48 13.32
C ASN A 99 27.83 5.19 14.10
N SER A 100 28.43 6.25 14.62
CA SER A 100 29.66 6.16 15.42
C SER A 100 29.29 6.06 16.89
N ASN A 101 29.50 4.89 17.49
CA ASN A 101 29.10 4.62 18.87
C ASN A 101 30.33 4.15 19.64
N THR A 102 30.97 5.07 20.38
CA THR A 102 32.31 4.84 20.89
C THR A 102 32.38 4.41 22.35
N ARG A 103 31.26 4.42 23.08
CA ARG A 103 31.27 3.87 24.42
C ARG A 103 31.46 2.35 24.37
N GLU A 104 32.26 1.84 25.28
CA GLU A 104 32.36 0.40 25.33
C GLU A 104 31.42 -0.15 26.40
N PRO A 105 31.00 -1.41 26.26
CA PRO A 105 30.15 -2.01 27.30
C PRO A 105 30.98 -2.44 28.50
N SER A 106 30.28 -2.66 29.61
CA SER A 106 30.92 -3.02 30.87
C SER A 106 31.57 -4.41 30.82
N THR A 107 31.32 -5.17 29.77
CA THR A 107 31.63 -6.59 29.73
C THR A 107 31.89 -6.94 28.28
N THR A 108 32.75 -7.93 28.06
CA THR A 108 32.93 -8.48 26.73
C THR A 108 31.59 -8.96 26.20
N ILE A 109 31.11 -8.35 25.11
CA ILE A 109 29.97 -8.85 24.36
C ILE A 109 30.35 -9.34 22.98
N TYR A 110 31.63 -9.33 22.63
CA TYR A 110 32.03 -9.70 21.29
C TYR A 110 33.41 -10.32 21.40
N PRO A 111 33.63 -11.51 20.81
CA PRO A 111 32.65 -12.19 19.94
C PRO A 111 31.52 -12.95 20.66
N LYS A 112 31.64 -13.16 21.97
CA LYS A 112 30.57 -13.77 22.74
C LYS A 112 30.48 -13.15 24.13
N LYS A 113 29.25 -12.90 24.58
CA LYS A 113 29.01 -12.53 25.97
C LYS A 113 28.92 -13.78 26.84
N SER A 114 28.14 -14.76 26.41
CA SER A 114 28.07 -16.04 27.07
C SER A 114 28.64 -17.11 26.15
N SER A 115 29.38 -18.06 26.72
CA SER A 115 29.84 -19.19 25.93
C SER A 115 28.70 -20.07 25.47
N SER A 116 27.47 -19.80 25.93
CA SER A 116 26.30 -20.46 25.39
C SER A 116 25.74 -19.78 24.16
N ASP A 117 26.20 -18.59 23.84
CA ASP A 117 25.63 -17.83 22.75
C ASP A 117 26.13 -18.35 21.41
N ALA A 118 25.31 -18.18 20.38
CA ALA A 118 25.72 -18.50 19.03
C ALA A 118 26.78 -17.50 18.57
N PRO A 119 27.70 -17.91 17.72
CA PRO A 119 28.73 -16.98 17.26
C PRO A 119 28.14 -15.92 16.35
N TYR A 120 28.75 -14.74 16.37
CA TYR A 120 28.50 -13.73 15.36
C TYR A 120 29.23 -14.06 14.07
N SER A 121 28.57 -13.81 12.93
CA SER A 121 29.19 -13.89 11.62
C SER A 121 29.54 -12.52 11.06
N ILE A 122 29.02 -11.48 11.68
CA ILE A 122 29.18 -10.10 11.25
C ILE A 122 30.16 -9.43 12.18
N THR A 123 31.00 -8.55 11.62
CA THR A 123 31.96 -7.85 12.45
C THR A 123 31.23 -6.98 13.47
N GLU A 124 31.86 -6.82 14.64
CA GLU A 124 31.30 -5.91 15.63
C GLU A 124 31.14 -4.50 15.07
N GLU A 125 32.03 -4.09 14.19
CA GLU A 125 31.94 -2.77 13.57
C GLU A 125 30.59 -2.57 12.90
N GLU A 126 30.14 -3.55 12.12
CA GLU A 126 28.86 -3.44 11.44
C GLU A 126 27.70 -3.65 12.40
N LEU A 127 27.82 -4.63 13.29
CA LEU A 127 26.77 -4.82 14.28
C LEU A 127 26.52 -3.51 15.03
N ARG A 128 27.59 -2.88 15.54
CA ARG A 128 27.38 -1.68 16.35
C ARG A 128 26.87 -0.51 15.52
N GLN A 129 27.28 -0.43 14.25
CA GLN A 129 26.98 0.75 13.45
C GLN A 129 25.50 0.87 13.12
N ALA A 130 24.77 -0.25 13.08
CA ALA A 130 23.36 -0.17 12.74
C ALA A 130 22.51 0.44 13.88
N ILE A 131 23.10 0.71 15.06
CA ILE A 131 22.35 1.24 16.19
C ILE A 131 22.38 2.76 16.15
N TYR A 132 21.19 3.37 16.18
CA TYR A 132 21.03 4.81 16.11
C TYR A 132 20.70 5.32 17.49
N ILE A 133 21.64 6.02 18.10
CA ILE A 133 21.50 6.56 19.44
C ILE A 133 21.27 8.06 19.31
N PRO A 134 20.08 8.58 19.63
CA PRO A 134 19.87 10.03 19.59
C PRO A 134 20.79 10.73 20.58
N SER A 135 20.99 12.03 20.34
CA SER A 135 21.85 12.80 21.22
C SER A 135 21.24 12.91 22.61
N ASP A 136 19.90 12.89 22.70
CA ASP A 136 19.10 12.98 23.91
C ASP A 136 19.10 11.70 24.74
N PHE A 137 19.81 10.67 24.32
CA PHE A 137 19.82 9.40 25.04
C PHE A 137 20.49 9.60 26.39
N THR A 138 20.00 8.90 27.42
CA THR A 138 20.48 9.13 28.78
C THR A 138 21.25 7.94 29.36
N TYR A 139 21.57 6.95 28.53
CA TYR A 139 22.52 5.88 28.88
C TYR A 139 22.16 5.19 30.20
N GLY A 140 20.87 5.04 30.46
CA GLY A 140 20.39 4.30 31.61
C GLY A 140 19.54 5.08 32.59
N ASP A 141 19.64 6.42 32.63
CA ASP A 141 18.74 7.17 33.51
C ASP A 141 17.29 6.73 33.29
N LYS A 142 16.83 6.76 32.03
CA LYS A 142 15.55 6.21 31.63
C LYS A 142 15.71 4.77 31.16
N PRO A 143 14.62 4.01 31.08
CA PRO A 143 14.69 2.67 30.49
C PRO A 143 14.88 2.75 28.98
N PRO A 144 15.96 2.18 28.46
CA PRO A 144 16.15 2.18 27.00
C PRO A 144 15.09 1.35 26.30
N VAL A 145 14.71 1.79 25.11
CA VAL A 145 13.79 1.03 24.27
C VAL A 145 14.39 0.93 22.87
N ILE A 146 14.64 -0.29 22.40
CA ILE A 146 15.23 -0.56 21.10
C ILE A 146 14.12 -0.85 20.09
N PHE A 147 14.05 -0.02 19.04
CA PHE A 147 13.07 -0.19 17.97
C PHE A 147 13.66 -0.98 16.80
N VAL A 148 12.88 -1.93 16.30
CA VAL A 148 13.32 -2.88 15.28
C VAL A 148 12.34 -2.85 14.11
N PRO A 149 12.79 -2.52 12.90
CA PRO A 149 11.86 -2.31 11.79
C PRO A 149 11.39 -3.63 11.21
N GLY A 150 10.56 -3.53 10.17
CA GLY A 150 10.11 -4.67 9.41
C GLY A 150 10.79 -4.78 8.05
N THR A 151 10.39 -5.83 7.31
CA THR A 151 11.04 -6.16 6.05
C THR A 151 10.97 -4.99 5.08
N GLY A 152 12.10 -4.68 4.44
CA GLY A 152 12.16 -3.59 3.49
C GLY A 152 12.32 -2.21 4.09
N SER A 153 12.43 -2.10 5.42
CA SER A 153 12.38 -0.80 6.08
C SER A 153 13.59 -0.59 6.98
N TYR A 154 13.64 0.59 7.60
CA TYR A 154 14.65 0.95 8.58
C TYR A 154 13.97 1.39 9.88
N GLY A 155 14.69 1.20 11.00
CA GLY A 155 14.13 1.57 12.30
C GLY A 155 13.72 3.02 12.38
N GLY A 156 14.49 3.91 11.74
CA GLY A 156 14.15 5.32 11.80
C GLY A 156 12.76 5.62 11.25
N ILE A 157 12.48 5.12 10.05
CA ILE A 157 11.26 5.50 9.35
C ILE A 157 10.09 4.59 9.68
N SER A 158 10.35 3.37 10.15
CA SER A 158 9.28 2.47 10.55
C SER A 158 8.48 3.08 11.70
N PHE A 159 9.15 3.81 12.59
CA PHE A 159 8.48 4.25 13.83
C PHE A 159 8.50 5.75 14.10
N GLY A 160 9.23 6.54 13.33
CA GLY A 160 9.38 7.99 13.62
C GLY A 160 8.07 8.73 13.58
N SER A 161 7.15 8.30 12.72
CA SER A 161 5.84 8.97 12.57
C SER A 161 4.82 8.39 13.56
N ASN A 162 5.22 7.37 14.31
CA ASN A 162 4.25 6.68 15.20
C ASN A 162 4.79 6.45 16.61
N LEU A 163 4.93 5.19 17.01
CA LEU A 163 5.35 4.78 18.37
C LEU A 163 6.61 5.49 18.88
N ARG A 164 7.66 5.61 18.07
CA ARG A 164 8.87 6.22 18.60
C ARG A 164 8.68 7.71 18.84
N LYS A 165 7.92 8.39 17.98
CA LYS A 165 7.61 9.79 18.23
C LYS A 165 6.90 9.96 19.57
N LEU A 166 5.91 9.10 19.84
CA LEU A 166 5.18 9.13 21.11
C LEU A 166 6.07 8.78 22.30
N LEU A 167 7.16 8.04 22.07
CA LEU A 167 8.04 7.65 23.15
C LEU A 167 9.27 8.55 23.23
N THR A 168 9.26 9.68 22.51
CA THR A 168 10.36 10.63 22.58
C THR A 168 10.05 11.65 23.67
N GLY A 169 11.01 11.84 24.58
CA GLY A 169 10.86 12.82 25.65
C GLY A 169 9.87 12.46 26.73
N VAL A 170 9.78 11.18 27.11
CA VAL A 170 8.96 10.73 28.22
C VAL A 170 9.89 10.12 29.27
N SER A 171 9.35 9.79 30.44
CA SER A 171 10.21 9.34 31.53
C SER A 171 10.41 7.83 31.57
N TYR A 172 9.51 7.07 30.96
CA TYR A 172 9.54 5.62 31.02
C TYR A 172 10.15 4.98 29.78
N ALA A 173 10.72 5.79 28.88
CA ALA A 173 11.35 5.25 27.68
C ALA A 173 12.52 6.14 27.30
N ASP A 174 13.45 5.52 26.57
CA ASP A 174 14.62 6.21 26.01
C ASP A 174 14.92 5.50 24.71
N PRO A 175 14.45 6.03 23.57
CA PRO A 175 14.50 5.24 22.32
C PRO A 175 15.84 5.26 21.62
N VAL A 176 16.21 4.08 21.10
CA VAL A 176 17.25 3.86 20.11
C VAL A 176 16.65 2.94 19.06
N TRP A 177 17.28 2.85 17.88
CA TRP A 177 16.68 2.01 16.84
C TRP A 177 17.74 1.45 15.89
N LEU A 178 17.37 0.33 15.25
CA LEU A 178 18.27 -0.43 14.39
C LEU A 178 18.04 -0.06 12.92
N ASN A 179 19.13 0.26 12.23
CA ASN A 179 19.11 0.54 10.80
C ASN A 179 20.01 -0.54 10.18
N VAL A 180 19.43 -1.67 9.85
CA VAL A 180 20.20 -2.81 9.35
C VAL A 180 20.49 -2.59 7.87
N PRO A 181 21.70 -2.89 7.41
CA PRO A 181 22.00 -2.73 5.98
C PRO A 181 21.02 -3.49 5.11
N ASP A 182 20.66 -2.86 3.98
CA ASP A 182 19.84 -3.47 2.95
C ASP A 182 18.40 -3.66 3.44
N ALA A 183 17.93 -2.71 4.24
CA ALA A 183 16.51 -2.60 4.59
C ALA A 183 15.92 -3.91 5.11
N LEU A 184 16.67 -4.58 5.98
CA LEU A 184 16.24 -5.83 6.63
C LEU A 184 15.87 -6.92 5.63
N LEU A 185 16.44 -6.86 4.42
CA LEU A 185 16.15 -7.85 3.39
C LEU A 185 17.12 -9.01 3.39
N ARG A 186 18.27 -8.85 4.04
CA ARG A 186 19.32 -9.88 4.01
C ARG A 186 18.93 -11.08 4.88
N ASP A 187 19.82 -12.07 4.95
CA ASP A 187 19.52 -13.30 5.71
C ASP A 187 19.05 -12.89 7.11
N ALA A 188 17.88 -13.40 7.52
CA ALA A 188 17.26 -13.07 8.82
C ALA A 188 18.10 -13.60 9.97
N GLN A 189 18.81 -14.69 9.75
CA GLN A 189 19.74 -15.19 10.78
C GLN A 189 20.75 -14.08 11.11
N THR A 190 21.17 -13.30 10.12
CA THR A 190 22.07 -12.19 10.43
C THR A 190 21.30 -10.96 10.92
N ASN A 191 20.09 -10.71 10.42
CA ASN A 191 19.30 -9.68 11.06
C ASN A 191 19.18 -9.97 12.55
N GLY A 192 18.93 -11.23 12.91
CA GLY A 192 18.86 -11.62 14.31
C GLY A 192 20.12 -11.25 15.09
N GLU A 193 21.29 -11.41 14.47
CA GLU A 193 22.53 -10.99 15.10
C GLU A 193 22.49 -9.53 15.49
N PHE A 194 21.91 -8.68 14.63
CA PHE A 194 21.82 -7.27 14.95
C PHE A 194 20.98 -7.02 16.21
N VAL A 195 19.86 -7.71 16.36
CA VAL A 195 19.04 -7.50 17.56
C VAL A 195 19.78 -7.99 18.80
N ALA A 196 20.39 -9.17 18.73
CA ALA A 196 21.14 -9.72 19.86
C ALA A 196 22.26 -8.78 20.30
N TYR A 197 23.08 -8.32 19.35
CA TYR A 197 24.11 -7.36 19.68
C TYR A 197 23.54 -6.10 20.31
N ALA A 198 22.45 -5.58 19.75
CA ALA A 198 21.89 -4.33 20.24
C ALA A 198 21.44 -4.45 21.68
N ILE A 199 20.81 -5.57 22.05
CA ILE A 199 20.37 -5.73 23.43
C ILE A 199 21.58 -5.72 24.37
N ASN A 200 22.56 -6.57 24.09
CA ASN A 200 23.74 -6.62 24.94
C ASN A 200 24.49 -5.29 24.94
N TYR A 201 24.63 -4.66 23.78
CA TYR A 201 25.43 -3.44 23.72
C TYR A 201 24.73 -2.28 24.43
N ILE A 202 23.45 -2.10 24.17
CA ILE A 202 22.73 -0.98 24.78
C ILE A 202 22.71 -1.12 26.30
N SER A 203 22.39 -2.32 26.79
CA SER A 203 22.43 -2.55 28.24
C SER A 203 23.83 -2.31 28.79
N GLY A 204 24.85 -2.90 28.14
CA GLY A 204 26.21 -2.87 28.64
C GLY A 204 26.84 -1.49 28.68
N ILE A 205 26.28 -0.52 27.94
CA ILE A 205 26.74 0.86 28.01
C ILE A 205 25.77 1.75 28.78
N SER A 206 24.71 1.19 29.32
CA SER A 206 23.68 1.97 29.99
C SER A 206 23.62 1.63 31.47
N GLY A 207 24.78 1.42 32.09
CA GLY A 207 24.78 1.01 33.47
C GLY A 207 24.23 -0.37 33.70
N ASP A 208 24.21 -1.21 32.66
CA ASP A 208 23.68 -2.57 32.71
C ASP A 208 22.18 -2.58 33.00
N ALA A 209 21.49 -1.48 32.71
CA ALA A 209 20.03 -1.44 32.80
C ALA A 209 19.41 -2.50 31.89
N ASN A 210 18.22 -2.95 32.29
CA ASN A 210 17.39 -3.71 31.38
C ASN A 210 16.95 -2.82 30.23
N VAL A 211 16.76 -3.43 29.06
CA VAL A 211 16.21 -2.73 27.90
C VAL A 211 14.84 -3.31 27.60
N SER A 212 14.12 -2.65 26.69
CA SER A 212 12.92 -3.18 26.07
C SER A 212 13.11 -3.18 24.56
N VAL A 213 12.34 -4.05 23.89
CA VAL A 213 12.37 -4.18 22.44
C VAL A 213 10.96 -3.98 21.89
N VAL A 214 10.83 -3.08 20.92
CA VAL A 214 9.59 -2.95 20.14
C VAL A 214 9.92 -3.26 18.69
N SER A 215 9.11 -4.10 18.06
CA SER A 215 9.39 -4.50 16.69
C SER A 215 8.16 -4.40 15.79
N TRP A 216 8.44 -4.39 14.50
CA TRP A 216 7.41 -4.40 13.47
C TRP A 216 7.72 -5.54 12.50
N SER A 217 6.73 -6.36 12.23
CA SER A 217 6.83 -7.35 11.13
C SER A 217 7.99 -8.30 11.46
N GLN A 218 8.93 -8.50 10.55
CA GLN A 218 10.04 -9.44 10.73
C GLN A 218 10.92 -9.10 11.94
N GLY A 219 10.91 -7.82 12.37
CA GLY A 219 11.64 -7.45 13.56
C GLY A 219 11.35 -8.34 14.75
N GLY A 220 10.06 -8.65 14.98
CA GLY A 220 9.71 -9.52 16.09
C GLY A 220 10.29 -10.91 15.91
N LEU A 221 10.18 -11.43 14.68
CA LEU A 221 10.78 -12.70 14.34
C LEU A 221 12.29 -12.67 14.53
N ASP A 222 12.94 -11.56 14.17
CA ASP A 222 14.38 -11.42 14.41
C ASP A 222 14.69 -11.46 15.90
N THR A 223 13.83 -10.84 16.72
CA THR A 223 14.06 -10.79 18.15
C THR A 223 13.92 -12.18 18.78
N GLN A 224 12.94 -12.96 18.33
CA GLN A 224 12.79 -14.32 18.86
C GLN A 224 14.00 -15.16 18.50
N TRP A 225 14.58 -14.91 17.32
CA TRP A 225 15.77 -15.64 16.89
C TRP A 225 16.98 -15.22 17.71
N ALA A 226 17.09 -13.94 18.06
CA ALA A 226 18.16 -13.52 18.96
C ALA A 226 17.99 -14.13 20.35
N PHE A 227 16.76 -14.16 20.87
CA PHE A 227 16.53 -14.78 22.18
C PHE A 227 16.88 -16.26 22.15
N THR A 228 16.48 -16.94 21.08
CA THR A 228 16.60 -18.39 21.04
C THR A 228 18.06 -18.79 21.02
N TYR A 229 18.87 -18.12 20.22
CA TYR A 229 20.24 -18.54 19.98
C TYR A 229 21.28 -17.71 20.71
N TRP A 230 20.90 -16.53 21.22
CA TRP A 230 21.72 -15.75 22.14
C TRP A 230 21.02 -15.72 23.51
N PRO A 231 21.12 -16.81 24.29
CA PRO A 231 20.51 -16.83 25.64
C PRO A 231 20.86 -15.64 26.51
N SER A 232 22.07 -15.09 26.38
CA SER A 232 22.48 -13.98 27.24
C SER A 232 21.53 -12.79 27.15
N THR A 233 20.80 -12.64 26.04
CA THR A 233 19.93 -11.49 25.84
C THR A 233 18.61 -11.63 26.60
N ARG A 234 18.22 -12.85 26.94
CA ARG A 234 16.97 -13.02 27.67
C ARG A 234 17.00 -12.30 29.01
N ALA A 235 18.17 -12.23 29.65
CA ALA A 235 18.24 -11.70 31.02
C ALA A 235 18.11 -10.19 31.10
N LEU A 236 18.12 -9.48 29.96
CA LEU A 236 18.21 -8.03 29.94
C LEU A 236 17.00 -7.33 29.34
N VAL A 237 15.92 -8.06 29.00
CA VAL A 237 14.77 -7.48 28.32
C VAL A 237 13.57 -7.56 29.24
N SER A 238 13.11 -6.40 29.74
CA SER A 238 11.88 -6.39 30.52
C SER A 238 10.67 -6.62 29.63
N ASP A 239 10.59 -5.93 28.49
CA ASP A 239 9.44 -6.05 27.62
C ASP A 239 9.84 -6.20 26.16
N PHE A 240 9.19 -7.16 25.50
CA PHE A 240 9.22 -7.37 24.07
C PHE A 240 7.81 -7.04 23.58
N VAL A 241 7.70 -6.03 22.71
CA VAL A 241 6.41 -5.58 22.20
C VAL A 241 6.40 -5.67 20.67
N PRO A 242 6.11 -6.84 20.11
CA PRO A 242 6.10 -6.98 18.64
C PRO A 242 4.76 -6.57 18.05
N VAL A 243 4.80 -5.68 17.07
CA VAL A 243 3.61 -5.22 16.37
C VAL A 243 3.55 -5.88 15.00
N SER A 244 2.43 -6.53 14.69
CA SER A 244 2.24 -7.34 13.48
C SER A 244 3.37 -8.36 13.27
N PRO A 245 3.80 -9.10 14.29
CA PRO A 245 4.85 -10.10 14.07
C PRO A 245 4.38 -11.27 13.22
N ASP A 246 5.34 -11.93 12.57
CA ASP A 246 5.09 -13.20 11.88
C ASP A 246 5.98 -14.26 12.51
N PHE A 247 5.59 -14.73 13.70
CA PHE A 247 6.39 -15.76 14.36
C PHE A 247 6.26 -17.11 13.69
N HIS A 248 5.26 -17.32 12.83
CA HIS A 248 5.17 -18.50 11.99
C HIS A 248 5.39 -18.16 10.51
N GLY A 249 5.96 -17.00 10.22
CA GLY A 249 6.13 -16.63 8.83
C GLY A 249 4.79 -16.27 8.19
N THR A 250 4.68 -16.54 6.89
CA THR A 250 3.49 -16.11 6.16
C THR A 250 3.36 -16.88 4.85
N VAL A 251 2.16 -17.39 4.57
CA VAL A 251 1.92 -18.15 3.35
C VAL A 251 1.91 -17.24 2.14
N LEU A 252 1.68 -15.94 2.34
CA LEU A 252 1.76 -15.01 1.22
C LEU A 252 3.16 -14.98 0.61
N ALA A 253 4.19 -15.28 1.41
CA ALA A 253 5.53 -15.37 0.83
C ALA A 253 5.66 -16.62 -0.04
N ASN A 254 5.06 -17.73 0.39
CA ASN A 254 5.08 -18.95 -0.42
C ASN A 254 4.43 -18.69 -1.76
N VAL A 255 3.33 -17.96 -1.76
CA VAL A 255 2.58 -17.69 -2.98
C VAL A 255 3.39 -16.76 -3.88
N ILE A 256 3.89 -15.66 -3.33
CA ILE A 256 4.57 -14.65 -4.13
C ILE A 256 5.86 -15.19 -4.69
N CYS A 257 6.57 -16.01 -3.93
CA CYS A 257 7.83 -16.56 -4.40
C CYS A 257 7.64 -17.90 -5.09
N LEU A 258 6.40 -18.32 -5.33
CA LEU A 258 6.11 -19.54 -6.07
C LEU A 258 6.95 -20.69 -5.52
N ASN A 259 6.98 -20.79 -4.20
CA ASN A 259 8.04 -21.51 -3.53
C ASN A 259 7.44 -22.59 -2.64
N PRO A 260 7.97 -23.82 -2.68
CA PRO A 260 7.35 -24.90 -1.91
C PRO A 260 7.49 -24.72 -0.43
N GLY A 261 8.47 -23.92 -0.01
CA GLY A 261 8.92 -23.90 1.37
C GLY A 261 9.93 -24.99 1.65
N ALA A 262 10.26 -25.14 2.94
CA ALA A 262 11.28 -26.10 3.37
C ALA A 262 12.60 -25.84 2.62
N GLY A 263 12.80 -24.60 2.19
CA GLY A 263 14.08 -24.22 1.57
C GLY A 263 14.21 -24.72 0.15
N GLY A 264 13.12 -25.25 -0.39
CA GLY A 264 13.16 -25.83 -1.74
C GLY A 264 13.31 -24.79 -2.83
N VAL A 265 13.85 -25.20 -3.96
CA VAL A 265 13.94 -24.26 -5.11
C VAL A 265 12.52 -23.90 -5.52
N GLY A 266 12.24 -22.62 -5.64
CA GLY A 266 10.92 -22.14 -6.02
C GLY A 266 11.12 -21.36 -7.28
N LEU A 267 10.04 -21.04 -7.99
CA LEU A 267 10.22 -20.41 -9.31
C LEU A 267 10.32 -18.89 -9.16
N GLY A 268 9.96 -18.33 -8.01
CA GLY A 268 9.99 -16.90 -7.89
C GLY A 268 11.23 -16.39 -7.16
N PRO A 269 12.05 -15.59 -7.84
CA PRO A 269 13.20 -14.98 -7.14
C PRO A 269 12.71 -14.00 -6.08
N CYS A 270 13.27 -14.11 -4.89
CA CYS A 270 12.83 -13.33 -3.74
C CYS A 270 14.03 -13.01 -2.86
N ALA A 271 13.92 -11.90 -2.13
CA ALA A 271 14.96 -11.54 -1.17
C ALA A 271 15.14 -12.67 -0.16
N PRO A 272 16.36 -12.82 0.39
CA PRO A 272 16.55 -13.90 1.37
C PRO A 272 15.61 -13.82 2.55
N ALA A 273 15.39 -12.63 3.11
CA ALA A 273 14.49 -12.55 4.26
C ALA A 273 13.07 -12.90 3.88
N VAL A 274 12.64 -12.62 2.64
CA VAL A 274 11.29 -12.99 2.24
C VAL A 274 11.14 -14.51 2.17
N LEU A 275 12.14 -15.20 1.59
CA LEU A 275 12.07 -16.66 1.50
C LEU A 275 12.05 -17.30 2.88
N GLN A 276 12.84 -16.74 3.81
CA GLN A 276 12.89 -17.27 5.17
C GLN A 276 11.61 -16.96 5.96
N GLN A 277 10.78 -16.04 5.46
CA GLN A 277 9.52 -15.72 6.12
C GLN A 277 8.35 -16.48 5.53
N GLU A 278 8.60 -17.46 4.67
CA GLU A 278 7.55 -18.38 4.27
C GLU A 278 7.05 -19.16 5.48
N TYR A 279 5.82 -19.66 5.38
CA TYR A 279 5.14 -20.22 6.54
C TYR A 279 5.83 -21.49 7.02
N ASN A 280 6.36 -22.29 6.10
CA ASN A 280 7.05 -23.54 6.39
C ASN A 280 8.56 -23.45 6.16
N SER A 281 9.14 -22.27 6.21
CA SER A 281 10.53 -22.14 5.81
C SER A 281 11.44 -22.83 6.84
N ASN A 282 12.65 -23.17 6.37
CA ASN A 282 13.66 -23.73 7.26
C ASN A 282 13.94 -22.81 8.44
N PHE A 283 14.07 -21.50 8.16
CA PHE A 283 14.28 -20.51 9.21
C PHE A 283 13.17 -20.58 10.26
N VAL A 284 11.91 -20.53 9.81
CA VAL A 284 10.79 -20.51 10.75
C VAL A 284 10.67 -21.86 11.46
N THR A 285 10.81 -22.95 10.73
CA THR A 285 10.74 -24.28 11.35
C THR A 285 11.85 -24.47 12.38
N ALA A 286 13.10 -24.15 12.02
CA ALA A 286 14.20 -24.28 12.96
C ALA A 286 13.95 -23.44 14.21
N LEU A 287 13.55 -22.18 14.00
CA LEU A 287 13.36 -21.27 15.13
C LEU A 287 12.30 -21.78 16.08
N ARG A 288 11.17 -22.26 15.54
CA ARG A 288 10.08 -22.74 16.39
C ARG A 288 10.48 -24.04 17.09
N ALA A 289 11.14 -24.96 16.37
CA ALA A 289 11.57 -26.19 17.01
C ALA A 289 12.59 -25.96 18.12
N ALA A 290 13.31 -24.83 18.09
CA ALA A 290 14.27 -24.53 19.13
C ALA A 290 13.69 -23.75 20.31
N GLY A 291 12.39 -23.49 20.36
CA GLY A 291 11.84 -22.66 21.41
C GLY A 291 11.33 -21.29 20.97
N GLY A 292 11.47 -20.93 19.69
CA GLY A 292 11.10 -19.60 19.25
C GLY A 292 9.61 -19.32 19.19
N ALA A 293 8.77 -20.33 19.43
CA ALA A 293 7.33 -20.12 19.35
C ALA A 293 6.73 -19.78 20.72
N ASP A 294 7.53 -19.78 21.78
CA ASP A 294 7.10 -19.40 23.11
C ASP A 294 7.87 -18.16 23.56
N ALA A 295 7.25 -17.36 24.41
CA ALA A 295 7.91 -16.15 24.86
C ALA A 295 9.05 -16.48 25.82
N TYR A 296 10.09 -15.66 25.78
CA TYR A 296 11.23 -15.72 26.71
C TYR A 296 11.21 -14.65 27.77
N VAL A 297 10.55 -13.53 27.48
CA VAL A 297 10.41 -12.38 28.37
C VAL A 297 8.94 -11.99 28.28
N PRO A 298 8.42 -11.10 29.13
CA PRO A 298 7.03 -10.66 28.95
C PRO A 298 6.83 -10.06 27.56
N THR A 299 5.89 -10.63 26.81
CA THR A 299 5.69 -10.32 25.40
C THR A 299 4.26 -9.82 25.18
N THR A 300 4.15 -8.62 24.62
CA THR A 300 2.88 -8.01 24.29
C THR A 300 2.78 -7.98 22.76
N SER A 301 2.15 -9.02 22.18
CA SER A 301 2.02 -9.09 20.74
C SER A 301 0.71 -8.46 20.31
N VAL A 302 0.80 -7.51 19.39
CA VAL A 302 -0.34 -6.78 18.87
C VAL A 302 -0.44 -7.05 17.40
N PHE A 303 -1.61 -7.52 16.95
CA PHE A 303 -1.79 -7.82 15.53
C PHE A 303 -3.22 -7.53 15.10
N SER A 304 -3.39 -7.43 13.78
CA SER A 304 -4.73 -7.16 13.18
C SER A 304 -5.24 -8.39 12.43
N GLY A 305 -6.46 -8.83 12.73
CA GLY A 305 -7.08 -9.95 11.98
C GLY A 305 -7.90 -9.44 10.82
N PHE A 306 -8.02 -8.13 10.67
CA PHE A 306 -8.74 -7.53 9.53
C PHE A 306 -8.05 -6.23 9.13
N LEU A 307 -7.34 -6.21 8.00
CA LEU A 307 -6.68 -7.42 7.43
C LEU A 307 -5.18 -7.20 7.25
N ASP A 308 -4.38 -8.18 7.62
CA ASP A 308 -2.91 -8.12 7.40
C ASP A 308 -2.62 -8.62 6.00
N GLU A 309 -2.32 -7.70 5.09
CA GLU A 309 -2.03 -8.03 3.70
C GLU A 309 -0.63 -8.60 3.50
N ILE A 310 0.23 -8.55 4.52
CA ILE A 310 1.56 -9.15 4.46
C ILE A 310 1.56 -10.52 5.12
N VAL A 311 0.96 -10.65 6.30
CA VAL A 311 1.09 -11.85 7.13
C VAL A 311 -0.27 -12.54 7.20
N GLN A 312 -0.31 -13.80 6.76
CA GLN A 312 -1.52 -14.61 6.81
C GLN A 312 -1.06 -16.05 7.08
N PRO A 313 -1.74 -16.78 7.96
CA PRO A 313 -2.89 -16.37 8.78
C PRO A 313 -2.49 -15.42 9.91
N GLN A 314 -3.45 -14.62 10.38
CA GLN A 314 -3.21 -13.58 11.35
C GLN A 314 -4.49 -13.32 12.16
N SER A 315 -5.19 -14.38 12.55
CA SER A 315 -6.37 -14.23 13.39
C SER A 315 -6.50 -15.37 14.39
N GLY A 316 -6.77 -15.00 15.64
CA GLY A 316 -7.02 -16.02 16.66
C GLY A 316 -5.73 -16.69 17.06
N THR A 317 -5.88 -17.82 17.75
CA THR A 317 -4.69 -18.49 18.26
C THR A 317 -3.83 -19.01 17.13
N GLY A 318 -4.40 -19.15 15.95
CA GLY A 318 -3.72 -19.58 14.75
C GLY A 318 -2.96 -18.50 14.04
N ALA A 319 -3.04 -17.26 14.51
CA ALA A 319 -2.29 -16.17 13.89
C ALA A 319 -0.78 -16.40 13.99
N SER A 320 -0.07 -16.06 12.90
CA SER A 320 1.39 -16.11 12.93
C SER A 320 1.96 -15.28 14.07
N ALA A 321 1.23 -14.24 14.46
CA ALA A 321 1.62 -13.34 15.53
C ALA A 321 1.38 -13.92 16.91
N TYR A 322 0.67 -15.05 17.02
CA TYR A 322 0.36 -15.59 18.34
C TYR A 322 1.61 -16.18 18.96
N ILE A 323 1.96 -15.70 20.16
CA ILE A 323 3.11 -16.19 20.92
C ILE A 323 2.56 -17.06 22.06
N ASN A 324 2.94 -18.33 22.10
CA ASN A 324 2.56 -19.15 23.24
C ASN A 324 3.42 -18.82 24.45
N ASP A 325 2.98 -19.27 25.64
CA ASP A 325 3.68 -18.97 26.88
C ASP A 325 3.88 -20.23 27.72
N ALA A 326 4.57 -21.22 27.16
CA ALA A 326 4.81 -22.45 27.92
C ALA A 326 5.79 -22.22 29.07
N ARG A 327 6.68 -21.24 28.97
CA ARG A 327 7.62 -20.95 30.05
C ARG A 327 6.98 -20.08 31.13
N GLY A 328 5.75 -19.64 30.95
CA GLY A 328 5.05 -18.91 31.98
C GLY A 328 5.65 -17.57 32.31
N VAL A 329 6.28 -16.90 31.34
CA VAL A 329 6.90 -15.61 31.62
C VAL A 329 5.92 -14.46 31.44
N GLY A 330 4.70 -14.71 30.98
CA GLY A 330 3.69 -13.69 30.82
C GLY A 330 3.53 -13.24 29.37
N THR A 331 2.33 -13.41 28.78
CA THR A 331 2.09 -12.97 27.42
C THR A 331 0.68 -12.41 27.25
N THR A 332 0.61 -11.39 26.41
CA THR A 332 -0.63 -10.79 25.94
C THR A 332 -0.69 -10.98 24.43
N ASN A 333 -1.76 -11.59 23.94
CA ASN A 333 -2.01 -11.74 22.51
C ASN A 333 -3.22 -10.89 22.15
N ALA A 334 -2.98 -9.71 21.61
CA ALA A 334 -4.01 -8.70 21.41
C ALA A 334 -4.31 -8.58 19.91
N GLU A 335 -5.41 -9.20 19.46
CA GLU A 335 -6.02 -8.94 18.15
C GLU A 335 -6.94 -7.74 18.31
N VAL A 336 -6.57 -6.60 17.70
CA VAL A 336 -7.28 -5.34 18.00
C VAL A 336 -8.77 -5.46 17.73
N GLN A 337 -9.15 -6.16 16.64
CA GLN A 337 -10.57 -6.25 16.35
C GLN A 337 -11.31 -7.03 17.44
N VAL A 338 -10.65 -7.99 18.07
CA VAL A 338 -11.22 -8.70 19.21
C VAL A 338 -11.28 -7.78 20.43
N VAL A 339 -10.12 -7.25 20.83
CA VAL A 339 -10.03 -6.51 22.08
C VAL A 339 -10.96 -5.29 22.03
N CYS A 340 -11.01 -4.59 20.91
CA CYS A 340 -11.78 -3.35 20.83
C CYS A 340 -13.15 -3.57 20.25
N LYS A 341 -13.64 -4.81 20.25
CA LYS A 341 -14.88 -5.10 19.55
C LYS A 341 -16.03 -4.40 20.26
N GLY A 342 -16.87 -3.72 19.48
CA GLY A 342 -17.98 -2.93 20.01
C GLY A 342 -17.59 -1.64 20.69
N LYS A 343 -16.32 -1.24 20.68
CA LYS A 343 -15.89 -0.13 21.52
C LYS A 343 -15.22 1.01 20.75
N GLY A 344 -15.34 1.04 19.43
CA GLY A 344 -14.85 2.20 18.70
C GLY A 344 -14.10 1.84 17.44
N PRO A 345 -13.65 2.86 16.71
CA PRO A 345 -13.03 2.61 15.40
C PRO A 345 -11.76 1.81 15.49
N ALA A 346 -11.06 1.87 16.63
CA ALA A 346 -9.80 1.13 16.79
C ALA A 346 -9.98 -0.38 16.72
N GLY A 347 -11.22 -0.87 16.75
CA GLY A 347 -11.57 -2.24 16.46
C GLY A 347 -11.94 -2.48 15.00
N GLY A 348 -11.81 -1.47 14.15
CA GLY A 348 -12.11 -1.60 12.73
C GLY A 348 -10.97 -2.19 11.90
N PHE A 349 -10.92 -1.76 10.65
CA PHE A 349 -9.98 -2.34 9.69
C PHE A 349 -8.61 -1.69 9.84
N TYR A 350 -7.59 -2.51 10.02
CA TYR A 350 -6.23 -2.03 10.19
C TYR A 350 -5.29 -2.90 9.37
N THR A 351 -4.35 -2.26 8.68
CA THR A 351 -3.42 -3.03 7.86
C THR A 351 -2.20 -3.43 8.69
N HIS A 352 -1.37 -4.27 8.07
CA HIS A 352 -0.05 -4.65 8.57
C HIS A 352 0.68 -3.43 9.12
N GLU A 353 0.56 -2.31 8.43
CA GLU A 353 1.25 -1.09 8.79
C GLU A 353 0.40 -0.10 9.56
N SER A 354 -0.89 0.02 9.27
CA SER A 354 -1.68 1.03 9.96
C SER A 354 -1.87 0.67 11.43
N LEU A 355 -1.71 -0.60 11.79
CA LEU A 355 -1.74 -1.02 13.19
C LEU A 355 -0.81 -0.19 14.08
N LEU A 356 0.33 0.25 13.54
CA LEU A 356 1.31 1.02 14.29
C LEU A 356 0.77 2.35 14.81
N VAL A 357 -0.38 2.82 14.34
CA VAL A 357 -0.98 4.02 14.88
C VAL A 357 -2.28 3.73 15.62
N ASN A 358 -2.68 2.48 15.69
CA ASN A 358 -3.88 2.12 16.44
C ASN A 358 -3.69 2.47 17.93
N PRO A 359 -4.71 3.06 18.57
CA PRO A 359 -4.58 3.41 19.99
C PRO A 359 -4.37 2.22 20.89
N LEU A 360 -4.94 1.06 20.53
CA LEU A 360 -4.70 -0.13 21.33
C LEU A 360 -3.23 -0.47 21.36
N THR A 361 -2.56 -0.31 20.21
CA THR A 361 -1.14 -0.59 20.11
C THR A 361 -0.34 0.31 21.04
N TYR A 362 -0.60 1.62 20.99
CA TYR A 362 0.10 2.56 21.86
C TYR A 362 -0.24 2.30 23.32
N ALA A 363 -1.53 2.17 23.62
CA ALA A 363 -1.94 1.92 25.00
C ALA A 363 -1.26 0.68 25.57
N LEU A 364 -1.23 -0.41 24.81
CA LEU A 364 -0.61 -1.64 25.31
C LEU A 364 0.90 -1.50 25.45
N LEU A 365 1.51 -0.64 24.65
CA LEU A 365 2.95 -0.44 24.74
C LEU A 365 3.30 0.28 26.06
N VAL A 366 2.58 1.35 26.37
CA VAL A 366 2.87 2.14 27.56
C VAL A 366 2.58 1.33 28.81
N ASP A 367 1.43 0.65 28.82
CA ASP A 367 1.09 -0.23 29.93
C ASP A 367 2.21 -1.23 30.19
N ALA A 368 2.73 -1.86 29.14
CA ALA A 368 3.80 -2.84 29.29
C ALA A 368 5.04 -2.21 29.87
N LEU A 369 5.32 -0.96 29.51
CA LEU A 369 6.55 -0.32 29.95
C LEU A 369 6.44 0.21 31.37
N THR A 370 5.23 0.40 31.89
CA THR A 370 5.02 1.01 33.18
C THR A 370 4.53 0.01 34.24
N HIS A 371 4.66 -1.29 33.98
CA HIS A 371 4.16 -2.34 34.86
C HIS A 371 4.98 -3.62 34.66
N ASP A 372 5.25 -4.34 35.76
CA ASP A 372 5.79 -5.68 35.62
C ASP A 372 4.89 -6.50 34.70
N GLY A 373 5.50 -7.36 33.89
CA GLY A 373 4.76 -8.20 32.98
C GLY A 373 4.37 -7.45 31.72
N PRO A 374 3.52 -8.06 30.90
CA PRO A 374 3.19 -7.47 29.60
C PRO A 374 2.09 -6.43 29.72
N GLY A 375 1.79 -5.78 28.59
CA GLY A 375 0.64 -4.91 28.55
C GLY A 375 -0.62 -5.71 28.82
N SER A 376 -1.54 -5.10 29.58
CA SER A 376 -2.72 -5.79 30.10
C SER A 376 -3.98 -5.20 29.46
N VAL A 377 -4.60 -5.99 28.58
CA VAL A 377 -5.89 -5.58 28.01
C VAL A 377 -6.89 -5.25 29.12
N ASP A 378 -6.88 -6.04 30.21
CA ASP A 378 -7.92 -5.90 31.23
C ASP A 378 -7.71 -4.68 32.12
N ARG A 379 -6.47 -4.21 32.26
CA ARG A 379 -6.17 -3.02 33.03
C ARG A 379 -6.49 -1.75 32.24
N LEU A 380 -6.53 -1.82 30.93
CA LEU A 380 -6.79 -0.63 30.15
C LEU A 380 -8.24 -0.21 30.24
N ASP A 381 -8.47 1.08 30.06
CA ASP A 381 -9.82 1.60 29.83
C ASP A 381 -10.15 1.44 28.36
N LEU A 382 -10.68 0.26 28.00
CA LEU A 382 -10.92 -0.04 26.59
C LEU A 382 -11.93 0.92 25.98
N ASP A 383 -12.85 1.47 26.80
CA ASP A 383 -13.85 2.37 26.24
C ASP A 383 -13.23 3.66 25.73
N THR A 384 -12.15 4.12 26.38
CA THR A 384 -11.38 5.29 25.99
C THR A 384 -10.33 4.97 24.93
N VAL A 385 -9.58 3.89 25.12
CA VAL A 385 -8.52 3.54 24.18
C VAL A 385 -9.09 3.25 22.80
N CYS A 386 -10.13 2.40 22.76
CA CYS A 386 -10.69 1.97 21.48
C CYS A 386 -11.42 3.07 20.72
N SER A 387 -11.69 4.21 21.36
CA SER A 387 -12.61 5.19 20.83
C SER A 387 -12.04 6.05 19.71
N THR A 388 -10.75 5.94 19.39
CA THR A 388 -10.19 6.79 18.37
C THR A 388 -9.52 5.95 17.29
N VAL A 389 -9.29 6.58 16.14
CA VAL A 389 -8.66 5.91 15.00
C VAL A 389 -7.16 5.82 15.19
N VAL A 390 -6.56 6.86 15.78
CA VAL A 390 -5.12 6.90 15.96
C VAL A 390 -4.80 7.15 17.44
N ALA A 391 -3.57 6.78 17.81
CA ALA A 391 -3.11 6.96 19.17
C ALA A 391 -3.16 8.44 19.55
N PRO A 392 -3.52 8.76 20.79
CA PRO A 392 -3.52 10.16 21.22
C PRO A 392 -2.14 10.77 21.03
N GLY A 393 -2.11 11.96 20.43
CA GLY A 393 -0.87 12.64 20.14
C GLY A 393 -0.41 12.49 18.71
N LEU A 394 -1.04 11.62 17.92
CA LEU A 394 -0.87 11.58 16.49
C LEU A 394 -2.12 12.10 15.81
N GLY A 395 -1.95 12.58 14.58
CA GLY A 395 -3.07 12.98 13.76
C GLY A 395 -3.34 11.96 12.66
N LEU A 396 -4.32 12.29 11.82
CA LEU A 396 -4.57 11.43 10.67
C LEU A 396 -3.41 11.47 9.70
N ASP A 397 -2.54 12.49 9.78
CA ASP A 397 -1.35 12.52 8.93
C ASP A 397 -0.44 11.32 9.20
N ALA A 398 -0.40 10.83 10.44
CA ALA A 398 0.34 9.60 10.72
C ALA A 398 -0.21 8.43 9.92
N LEU A 399 -1.52 8.42 9.67
CA LEU A 399 -2.10 7.39 8.81
C LEU A 399 -1.53 7.48 7.40
N LEU A 400 -1.28 8.70 6.90
CA LEU A 400 -0.70 8.85 5.57
C LEU A 400 0.77 8.47 5.57
N GLU A 401 1.54 8.99 6.53
CA GLU A 401 2.96 8.67 6.58
C GLU A 401 3.19 7.16 6.59
N ILE A 402 2.40 6.43 7.39
CA ILE A 402 2.62 4.99 7.52
C ILE A 402 2.25 4.25 6.25
N GLU A 403 1.33 4.81 5.44
CA GLU A 403 1.12 4.25 4.10
C GLU A 403 2.37 4.38 3.23
N GLY A 404 3.08 5.51 3.34
CA GLY A 404 4.28 5.68 2.54
C GLY A 404 5.43 4.80 3.01
N VAL A 405 5.55 4.62 4.32
CA VAL A 405 6.51 3.64 4.84
C VAL A 405 6.32 2.30 4.16
N ASN A 406 5.07 1.85 4.06
CA ASN A 406 4.78 0.56 3.46
C ASN A 406 5.14 0.53 1.98
N VAL A 407 4.89 1.64 1.27
CA VAL A 407 5.19 1.69 -0.16
C VAL A 407 6.69 1.56 -0.38
N LEU A 408 7.48 2.38 0.32
CA LEU A 408 8.94 2.26 0.26
C LEU A 408 9.38 0.83 0.50
N ALA A 409 8.92 0.20 1.60
CA ALA A 409 9.21 -1.20 1.86
C ALA A 409 8.85 -2.10 0.67
N ALA A 410 7.63 -1.93 0.13
CA ALA A 410 7.20 -2.72 -1.01
C ALA A 410 8.16 -2.58 -2.19
N VAL A 411 8.50 -1.33 -2.55
CA VAL A 411 9.48 -1.10 -3.60
C VAL A 411 10.74 -1.91 -3.33
N ASN A 412 11.24 -1.84 -2.10
CA ASN A 412 12.47 -2.55 -1.75
C ASN A 412 12.33 -4.05 -2.02
N LEU A 413 11.21 -4.64 -1.57
CA LEU A 413 10.96 -6.06 -1.82
C LEU A 413 10.96 -6.39 -3.31
N LEU A 414 10.37 -5.53 -4.14
CA LEU A 414 10.26 -5.85 -5.56
C LEU A 414 11.55 -5.60 -6.31
N THR A 415 12.37 -4.65 -5.88
CA THR A 415 13.48 -4.17 -6.69
C THR A 415 14.84 -4.52 -6.09
N TYR A 416 14.88 -5.31 -5.03
CA TYR A 416 16.16 -5.60 -4.38
C TYR A 416 16.98 -6.51 -5.27
N SER A 417 18.26 -6.18 -5.45
CA SER A 417 19.07 -6.89 -6.44
C SER A 417 19.34 -8.33 -6.04
N ASP A 418 19.29 -8.66 -4.75
CA ASP A 418 19.67 -10.01 -4.30
C ASP A 418 18.44 -10.89 -4.19
N ARG A 419 17.93 -11.28 -5.37
CA ARG A 419 16.77 -12.16 -5.46
C ARG A 419 17.25 -13.58 -5.71
N ARG A 420 16.63 -14.54 -5.02
CA ARG A 420 17.11 -15.91 -5.03
C ARG A 420 15.97 -16.89 -5.21
N LEU A 421 16.32 -18.10 -5.59
CA LEU A 421 15.33 -19.16 -5.73
C LEU A 421 15.18 -19.98 -4.45
N ALA A 422 16.20 -19.97 -3.61
CA ALA A 422 16.28 -20.86 -2.46
C ALA A 422 16.66 -20.06 -1.23
N GLU A 423 16.16 -20.50 -0.12
CA GLU A 423 16.30 -19.85 1.18
C GLU A 423 17.73 -20.06 1.72
N PRO A 424 18.34 -19.01 2.31
CA PRO A 424 19.68 -19.16 2.91
C PRO A 424 19.86 -20.45 3.72
N ALA A 425 21.05 -21.04 3.64
CA ALA A 425 21.35 -22.18 4.49
C ALA A 425 21.21 -21.81 5.96
N LEU A 426 20.66 -22.72 6.74
CA LEU A 426 20.69 -22.53 8.18
C LEU A 426 22.14 -22.55 8.66
N MET A 427 22.48 -21.61 9.54
CA MET A 427 23.81 -21.68 10.13
C MET A 427 23.90 -22.92 11.00
N SER A 428 25.14 -23.39 11.18
CA SER A 428 25.38 -24.61 11.96
C SER A 428 24.72 -24.54 13.34
N TYR A 429 24.60 -23.35 13.90
CA TYR A 429 24.03 -23.19 15.26
C TYR A 429 22.54 -23.55 15.32
N ALA A 430 21.75 -23.13 14.32
CA ALA A 430 20.30 -23.36 14.29
C ALA A 430 19.95 -24.84 14.12
N ALA A 431 20.71 -25.53 13.28
CA ALA A 431 20.52 -26.96 12.96
C ALA A 431 20.71 -27.81 14.23
N ILE B 66 -3.48 -24.91 -11.33
CA ILE B 66 -3.81 -24.41 -10.01
C ILE B 66 -2.60 -23.71 -9.37
N PHE B 67 -1.44 -24.38 -9.40
CA PHE B 67 -0.18 -23.67 -9.20
C PHE B 67 0.10 -22.76 -10.39
N GLU B 68 -0.08 -23.31 -11.60
CA GLU B 68 0.22 -22.56 -12.82
C GLU B 68 -0.69 -21.34 -12.98
N ASN B 69 -1.89 -21.38 -12.40
CA ASN B 69 -2.76 -20.21 -12.50
C ASN B 69 -2.16 -19.03 -11.75
N ILE B 70 -1.70 -19.27 -10.51
CA ILE B 70 -1.06 -18.21 -9.75
C ILE B 70 0.24 -17.76 -10.42
N ALA B 71 1.02 -18.70 -10.94
CA ALA B 71 2.26 -18.35 -11.61
C ALA B 71 2.00 -17.34 -12.73
N GLN B 72 0.98 -17.59 -13.55
CA GLN B 72 0.63 -16.67 -14.62
C GLN B 72 0.05 -15.36 -14.10
N GLN B 73 -0.67 -15.41 -12.98
CA GLN B 73 -1.16 -14.19 -12.38
C GLN B 73 0.00 -13.28 -11.98
N ILE B 74 1.01 -13.84 -11.33
CA ILE B 74 2.16 -13.02 -10.92
C ILE B 74 2.88 -12.49 -12.15
N ALA B 75 2.98 -13.30 -13.20
CA ALA B 75 3.70 -12.86 -14.38
C ALA B 75 2.95 -11.75 -15.11
N ASP B 76 1.61 -11.81 -15.14
CA ASP B 76 0.84 -10.74 -15.76
C ASP B 76 0.89 -9.47 -14.95
N GLY B 77 0.93 -9.60 -13.62
CA GLY B 77 1.03 -8.41 -12.79
C GLY B 77 2.39 -7.74 -12.93
N LEU B 78 3.46 -8.52 -12.81
CA LEU B 78 4.80 -7.97 -12.96
C LEU B 78 4.99 -7.36 -14.35
N SER B 79 4.24 -7.85 -15.35
CA SER B 79 4.29 -7.26 -16.68
C SER B 79 3.78 -5.82 -16.69
N THR B 80 2.95 -5.44 -15.71
CA THR B 80 2.47 -4.05 -15.64
C THR B 80 3.53 -3.12 -15.04
N LEU B 81 4.64 -3.67 -14.54
CA LEU B 81 5.65 -2.86 -13.91
C LEU B 81 6.53 -2.24 -14.98
N THR B 82 6.67 -0.91 -14.93
CA THR B 82 7.45 -0.20 -15.93
C THR B 82 8.91 -0.66 -15.94
N ILE B 83 9.48 -0.96 -14.76
CA ILE B 83 10.87 -1.41 -14.73
C ILE B 83 11.03 -2.77 -15.38
N VAL B 84 9.99 -3.61 -15.32
CA VAL B 84 10.04 -4.90 -15.97
C VAL B 84 9.87 -4.76 -17.49
N GLN B 85 9.05 -3.80 -17.92
CA GLN B 85 8.95 -3.55 -19.35
C GLN B 85 10.28 -3.05 -19.90
N ALA B 86 11.05 -2.33 -19.08
CA ALA B 86 12.35 -1.81 -19.51
C ALA B 86 13.30 -2.92 -19.93
N LEU B 87 13.19 -4.10 -19.33
CA LEU B 87 14.00 -5.25 -19.72
C LEU B 87 13.53 -5.90 -21.02
N GLY B 88 12.59 -5.27 -21.73
CA GLY B 88 12.12 -5.77 -23.02
C GLY B 88 10.76 -6.42 -22.99
N PHE B 89 10.15 -6.60 -21.83
CA PHE B 89 8.86 -7.27 -21.77
C PHE B 89 7.72 -6.30 -22.03
N SER B 90 6.56 -6.84 -22.34
CA SER B 90 5.37 -6.03 -22.56
C SER B 90 4.23 -6.51 -21.68
N PRO B 91 3.28 -5.64 -21.37
CA PRO B 91 2.11 -6.09 -20.59
C PRO B 91 1.51 -7.34 -21.19
N SER B 92 1.30 -8.35 -20.36
CA SER B 92 0.81 -9.65 -20.79
C SER B 92 -0.58 -9.92 -20.25
N GLY B 93 -1.22 -10.93 -20.83
CA GLY B 93 -2.54 -11.32 -20.35
C GLY B 93 -3.56 -10.21 -20.59
N GLU B 94 -4.37 -9.94 -19.58
CA GLU B 94 -5.44 -8.95 -19.68
C GLU B 94 -4.94 -7.52 -19.78
N ASN B 95 -3.64 -7.30 -19.57
CA ASN B 95 -3.09 -5.96 -19.61
C ASN B 95 -2.41 -5.65 -20.94
N SER B 96 -2.48 -6.58 -21.89
CA SER B 96 -1.89 -6.36 -23.21
C SER B 96 -2.28 -5.00 -23.78
N GLU B 97 -1.30 -4.33 -24.38
CA GLU B 97 -1.51 -3.03 -25.00
C GLU B 97 -1.30 -3.08 -26.51
N THR B 98 -1.25 -4.28 -27.08
CA THR B 98 -1.11 -4.51 -28.51
C THR B 98 -2.26 -5.37 -29.01
N ASN B 99 -3.47 -4.99 -28.64
CA ASN B 99 -4.65 -5.75 -29.04
C ASN B 99 -4.97 -5.55 -30.51
N SER B 100 -5.29 -6.66 -31.19
CA SER B 100 -5.63 -6.64 -32.62
C SER B 100 -7.14 -6.50 -32.77
N ASN B 101 -7.61 -5.30 -33.10
CA ASN B 101 -9.03 -4.97 -33.20
C ASN B 101 -9.33 -4.59 -34.64
N THR B 102 -9.77 -5.58 -35.43
CA THR B 102 -9.83 -5.38 -36.87
C THR B 102 -11.18 -4.91 -37.39
N ARG B 103 -12.20 -4.87 -36.55
CA ARG B 103 -13.50 -4.35 -36.99
C ARG B 103 -13.45 -2.85 -37.11
N GLU B 104 -14.12 -2.33 -38.14
CA GLU B 104 -14.13 -0.89 -38.35
C GLU B 104 -15.42 -0.28 -37.86
N PRO B 105 -15.38 0.98 -37.35
CA PRO B 105 -16.59 1.64 -36.93
C PRO B 105 -17.54 1.95 -38.09
N SER B 106 -18.79 2.25 -37.76
CA SER B 106 -19.82 2.59 -38.77
C SER B 106 -19.40 3.84 -39.52
N THR B 107 -18.79 4.80 -38.82
CA THR B 107 -18.43 6.09 -39.42
C THR B 107 -16.97 6.41 -39.14
N THR B 108 -16.36 7.29 -39.92
CA THR B 108 -14.97 7.72 -39.68
C THR B 108 -14.87 8.39 -38.31
N ILE B 109 -13.98 7.91 -37.45
CA ILE B 109 -13.73 8.50 -36.14
C ILE B 109 -12.33 9.05 -36.01
N TYR B 110 -11.51 8.91 -37.06
CA TYR B 110 -10.12 9.29 -37.07
C TYR B 110 -9.77 9.80 -38.46
N PRO B 111 -9.18 10.99 -38.60
CA PRO B 111 -8.66 11.88 -37.55
C PRO B 111 -9.73 12.49 -36.62
N LYS B 112 -10.97 12.62 -37.08
CA LYS B 112 -12.02 13.20 -36.26
C LYS B 112 -13.36 12.57 -36.62
N LYS B 113 -14.26 12.51 -35.64
CA LYS B 113 -15.65 12.07 -35.93
C LYS B 113 -16.42 13.36 -36.18
N SER B 114 -16.12 14.40 -35.41
CA SER B 114 -16.78 15.73 -35.57
C SER B 114 -15.70 16.81 -35.67
N SER B 115 -15.97 17.89 -36.38
CA SER B 115 -15.05 19.04 -36.52
C SER B 115 -14.87 19.72 -35.17
N SER B 116 -15.89 19.66 -34.31
CA SER B 116 -15.83 20.27 -32.97
C SER B 116 -14.79 19.55 -32.10
N ASP B 117 -14.51 18.29 -32.42
CA ASP B 117 -13.57 17.48 -31.61
C ASP B 117 -12.13 18.00 -31.71
N ALA B 118 -11.33 17.73 -30.68
CA ALA B 118 -9.94 18.09 -30.66
C ALA B 118 -9.18 17.14 -31.59
N PRO B 119 -7.94 17.48 -31.93
CA PRO B 119 -7.10 16.58 -32.72
C PRO B 119 -6.47 15.50 -31.86
N TYR B 120 -6.41 14.29 -32.41
CA TYR B 120 -5.54 13.24 -31.87
C TYR B 120 -4.07 13.56 -32.15
N SER B 121 -3.23 13.42 -31.13
CA SER B 121 -1.78 13.46 -31.27
C SER B 121 -1.20 12.07 -31.39
N ILE B 122 -1.98 11.05 -31.05
CA ILE B 122 -1.61 9.65 -31.13
C ILE B 122 -2.15 9.09 -32.43
N THR B 123 -1.42 8.14 -33.03
CA THR B 123 -1.95 7.51 -34.24
C THR B 123 -3.13 6.61 -33.88
N GLU B 124 -3.97 6.37 -34.88
CA GLU B 124 -5.15 5.53 -34.67
C GLU B 124 -4.76 4.11 -34.28
N GLU B 125 -3.66 3.60 -34.85
CA GLU B 125 -3.19 2.26 -34.52
C GLU B 125 -2.90 2.12 -33.03
N GLU B 126 -2.24 3.13 -32.44
CA GLU B 126 -1.89 3.05 -31.02
C GLU B 126 -3.12 3.23 -30.14
N LEU B 127 -4.03 4.14 -30.53
CA LEU B 127 -5.25 4.33 -29.77
C LEU B 127 -6.08 3.05 -29.75
N ARG B 128 -6.21 2.36 -30.88
CA ARG B 128 -7.07 1.19 -30.89
C ARG B 128 -6.44 -0.01 -30.19
N GLN B 129 -5.11 -0.14 -30.27
CA GLN B 129 -4.40 -1.24 -29.61
C GLN B 129 -4.63 -1.27 -28.10
N ALA B 130 -4.88 -0.13 -27.50
CA ALA B 130 -5.05 -0.08 -26.06
C ALA B 130 -6.39 -0.66 -25.62
N ILE B 131 -7.35 -0.79 -26.54
CA ILE B 131 -8.66 -1.33 -26.20
C ILE B 131 -8.59 -2.85 -26.18
N TYR B 132 -8.80 -3.44 -25.01
CA TYR B 132 -8.85 -4.89 -24.85
C TYR B 132 -10.30 -5.33 -24.93
N ILE B 133 -10.62 -6.16 -25.91
CA ILE B 133 -11.95 -6.65 -26.23
C ILE B 133 -11.95 -8.16 -25.98
N PRO B 134 -12.56 -8.65 -24.92
CA PRO B 134 -12.55 -10.10 -24.66
C PRO B 134 -13.24 -10.86 -25.79
N SER B 135 -12.94 -12.16 -25.86
CA SER B 135 -13.55 -13.04 -26.85
C SER B 135 -15.06 -13.22 -26.64
N ASP B 136 -15.59 -12.78 -25.50
CA ASP B 136 -16.99 -12.90 -25.15
C ASP B 136 -17.80 -11.68 -25.53
N PHE B 137 -17.19 -10.69 -26.17
CA PHE B 137 -17.87 -9.43 -26.44
C PHE B 137 -18.97 -9.61 -27.48
N THR B 138 -20.13 -9.00 -27.24
CA THR B 138 -21.31 -9.18 -28.08
C THR B 138 -21.55 -8.03 -29.05
N TYR B 139 -20.73 -6.98 -29.03
CA TYR B 139 -20.77 -5.93 -30.05
C TYR B 139 -22.14 -5.27 -30.18
N GLY B 140 -22.81 -5.05 -29.06
CA GLY B 140 -24.07 -4.35 -29.03
C GLY B 140 -25.24 -5.14 -28.50
N ASP B 141 -25.20 -6.47 -28.55
CA ASP B 141 -26.31 -7.26 -28.02
C ASP B 141 -26.58 -6.88 -26.58
N LYS B 142 -25.52 -6.85 -25.76
CA LYS B 142 -25.50 -6.29 -24.42
C LYS B 142 -24.86 -4.91 -24.45
N PRO B 143 -25.17 -4.07 -23.46
CA PRO B 143 -24.56 -2.73 -23.43
C PRO B 143 -23.07 -2.81 -23.12
N PRO B 144 -22.23 -2.24 -23.97
CA PRO B 144 -20.79 -2.23 -23.68
C PRO B 144 -20.46 -1.34 -22.50
N VAL B 145 -19.53 -1.80 -21.67
CA VAL B 145 -18.99 -0.97 -20.60
C VAL B 145 -17.47 -0.89 -20.77
N ILE B 146 -16.95 0.32 -20.68
CA ILE B 146 -15.52 0.60 -20.84
C ILE B 146 -14.93 0.94 -19.48
N PHE B 147 -13.96 0.13 -19.06
CA PHE B 147 -13.23 0.33 -17.81
C PHE B 147 -11.92 1.06 -18.07
N VAL B 148 -11.67 2.11 -17.30
CA VAL B 148 -10.48 2.95 -17.45
C VAL B 148 -9.65 2.91 -16.17
N PRO B 149 -8.38 2.46 -16.24
CA PRO B 149 -7.58 2.24 -15.02
C PRO B 149 -7.19 3.51 -14.30
N GLY B 150 -6.38 3.34 -13.24
CA GLY B 150 -5.81 4.45 -12.50
C GLY B 150 -4.30 4.59 -12.73
N THR B 151 -3.79 5.75 -12.31
CA THR B 151 -2.38 6.10 -12.43
C THR B 151 -1.46 4.99 -11.97
N GLY B 152 -0.60 4.55 -12.85
CA GLY B 152 0.33 3.49 -12.52
C GLY B 152 -0.17 2.09 -12.80
N SER B 153 -1.38 1.95 -13.32
CA SER B 153 -2.03 0.66 -13.47
C SER B 153 -2.48 0.48 -14.91
N TYR B 154 -3.07 -0.69 -15.19
CA TYR B 154 -3.64 -1.01 -16.49
C TYR B 154 -5.09 -1.43 -16.30
N GLY B 155 -5.82 -1.46 -17.43
CA GLY B 155 -7.25 -1.70 -17.37
C GLY B 155 -7.61 -3.08 -16.85
N GLY B 156 -6.86 -4.10 -17.28
CA GLY B 156 -7.08 -5.46 -16.81
C GLY B 156 -7.01 -5.56 -15.31
N ILE B 157 -5.79 -5.40 -14.77
CA ILE B 157 -5.52 -5.67 -13.37
C ILE B 157 -6.21 -4.68 -12.44
N SER B 158 -6.61 -3.50 -12.94
CA SER B 158 -7.30 -2.54 -12.10
C SER B 158 -8.67 -3.06 -11.64
N PHE B 159 -9.32 -3.88 -12.47
CA PHE B 159 -10.72 -4.22 -12.24
C PHE B 159 -11.02 -5.72 -12.27
N GLY B 160 -10.12 -6.54 -12.79
CA GLY B 160 -10.38 -7.98 -12.94
C GLY B 160 -10.71 -8.72 -11.65
N SER B 161 -10.31 -8.19 -10.51
CA SER B 161 -10.56 -8.84 -9.20
C SER B 161 -11.78 -8.23 -8.54
N ASN B 162 -12.38 -7.21 -9.17
CA ASN B 162 -13.51 -6.49 -8.56
C ASN B 162 -14.65 -6.30 -9.55
N LEU B 163 -14.99 -5.05 -9.84
CA LEU B 163 -16.14 -4.70 -10.72
C LEU B 163 -16.13 -5.45 -12.06
N ARG B 164 -15.00 -5.52 -12.75
CA ARG B 164 -15.03 -6.18 -14.04
C ARG B 164 -15.41 -7.66 -13.90
N LYS B 165 -14.91 -8.33 -12.84
CA LYS B 165 -15.33 -9.70 -12.57
C LYS B 165 -16.85 -9.78 -12.38
N LEU B 166 -17.41 -8.89 -11.56
CA LEU B 166 -18.85 -8.91 -11.32
C LEU B 166 -19.66 -8.51 -12.56
N LEU B 167 -19.04 -7.86 -13.54
CA LEU B 167 -19.76 -7.44 -14.74
C LEU B 167 -19.50 -8.36 -15.92
N THR B 168 -18.92 -9.52 -15.67
CA THR B 168 -18.62 -10.50 -16.70
C THR B 168 -19.72 -11.54 -16.72
N GLY B 169 -20.23 -11.83 -17.91
CA GLY B 169 -21.33 -12.79 -18.04
C GLY B 169 -22.63 -12.39 -17.37
N VAL B 170 -22.98 -11.10 -17.40
CA VAL B 170 -24.30 -10.66 -16.98
C VAL B 170 -25.05 -10.14 -18.19
N SER B 171 -26.33 -9.77 -18.01
CA SER B 171 -27.14 -9.33 -19.15
C SER B 171 -26.90 -7.86 -19.48
N TYR B 172 -26.63 -7.04 -18.46
CA TYR B 172 -26.69 -5.58 -18.56
C TYR B 172 -25.33 -4.94 -18.81
N ALA B 173 -24.29 -5.72 -19.07
CA ALA B 173 -22.96 -5.16 -19.27
C ALA B 173 -22.13 -6.10 -20.14
N ASP B 174 -21.28 -5.51 -20.96
CA ASP B 174 -20.42 -6.25 -21.89
C ASP B 174 -19.07 -5.55 -21.87
N PRO B 175 -18.22 -5.87 -20.90
CA PRO B 175 -17.05 -5.01 -20.61
C PRO B 175 -15.90 -5.13 -21.60
N VAL B 176 -15.26 -3.98 -21.81
CA VAL B 176 -13.93 -3.85 -22.40
C VAL B 176 -13.08 -2.98 -21.46
N TRP B 177 -11.77 -2.94 -21.69
CA TRP B 177 -10.93 -2.07 -20.85
C TRP B 177 -9.70 -1.56 -21.61
N LEU B 178 -9.16 -0.45 -21.09
CA LEU B 178 -8.10 0.30 -21.74
C LEU B 178 -6.76 -0.03 -21.08
N ASN B 179 -5.84 -0.58 -21.87
CA ASN B 179 -4.48 -0.82 -21.43
C ASN B 179 -3.60 0.25 -22.08
N VAL B 180 -3.49 1.40 -21.41
CA VAL B 180 -2.79 2.56 -21.96
C VAL B 180 -1.30 2.41 -21.70
N PRO B 181 -0.44 2.65 -22.69
CA PRO B 181 1.00 2.38 -22.49
C PRO B 181 1.60 3.20 -21.35
N ASP B 182 2.63 2.65 -20.73
CA ASP B 182 3.29 3.24 -19.56
C ASP B 182 2.31 3.44 -18.40
N ALA B 183 1.35 2.53 -18.28
CA ALA B 183 0.54 2.41 -17.06
C ALA B 183 -0.11 3.74 -16.67
N LEU B 184 -0.56 4.47 -17.67
CA LEU B 184 -1.29 5.73 -17.49
C LEU B 184 -0.45 6.81 -16.81
N LEU B 185 0.88 6.70 -16.90
CA LEU B 185 1.79 7.69 -16.26
C LEU B 185 2.19 8.77 -17.26
N ARG B 186 1.87 8.59 -18.53
CA ARG B 186 2.20 9.56 -19.59
C ARG B 186 1.25 10.75 -19.54
N ASP B 187 1.47 11.75 -20.40
CA ASP B 187 0.66 12.99 -20.39
C ASP B 187 -0.82 12.61 -20.36
N ALA B 188 -1.55 13.19 -19.42
CA ALA B 188 -2.98 12.83 -19.23
C ALA B 188 -3.80 13.40 -20.38
N GLN B 189 -3.30 14.45 -21.01
CA GLN B 189 -4.00 14.90 -22.22
C GLN B 189 -4.07 13.79 -23.25
N THR B 190 -2.96 13.06 -23.46
CA THR B 190 -3.01 11.93 -24.38
C THR B 190 -3.78 10.77 -23.77
N ASN B 191 -3.73 10.62 -22.45
CA ASN B 191 -4.57 9.62 -21.80
C ASN B 191 -6.04 9.89 -22.08
N GLY B 192 -6.43 11.16 -22.08
CA GLY B 192 -7.79 11.50 -22.47
C GLY B 192 -8.11 11.03 -23.87
N GLU B 193 -7.14 11.14 -24.78
CA GLU B 193 -7.36 10.78 -26.18
C GLU B 193 -7.70 9.32 -26.32
N PHE B 194 -7.06 8.46 -25.50
CA PHE B 194 -7.39 7.04 -25.52
C PHE B 194 -8.84 6.81 -25.13
N VAL B 195 -9.34 7.52 -24.10
CA VAL B 195 -10.73 7.36 -23.67
C VAL B 195 -11.70 7.84 -24.75
N ALA B 196 -11.49 9.06 -25.24
CA ALA B 196 -12.30 9.58 -26.34
C ALA B 196 -12.33 8.61 -27.52
N TYR B 197 -11.19 7.99 -27.84
CA TYR B 197 -11.21 7.07 -28.97
C TYR B 197 -11.97 5.79 -28.63
N ALA B 198 -11.79 5.27 -27.42
CA ALA B 198 -12.47 4.03 -27.05
C ALA B 198 -13.99 4.19 -27.07
N ILE B 199 -14.50 5.34 -26.65
CA ILE B 199 -15.94 5.58 -26.69
C ILE B 199 -16.45 5.53 -28.13
N ASN B 200 -15.81 6.33 -29.02
CA ASN B 200 -16.28 6.38 -30.39
C ASN B 200 -16.02 5.07 -31.10
N TYR B 201 -14.91 4.40 -30.79
CA TYR B 201 -14.60 3.14 -31.46
C TYR B 201 -15.57 2.05 -31.02
N ILE B 202 -15.72 1.87 -29.71
CA ILE B 202 -16.54 0.77 -29.18
C ILE B 202 -18.00 0.94 -29.60
N SER B 203 -18.55 2.16 -29.46
CA SER B 203 -19.90 2.38 -29.96
C SER B 203 -19.98 2.09 -31.45
N GLY B 204 -19.04 2.62 -32.22
CA GLY B 204 -19.09 2.53 -33.67
C GLY B 204 -18.98 1.14 -34.23
N ILE B 205 -18.47 0.19 -33.43
CA ILE B 205 -18.40 -1.21 -33.85
C ILE B 205 -19.49 -2.05 -33.19
N SER B 206 -20.42 -1.41 -32.50
CA SER B 206 -21.46 -2.10 -31.76
C SER B 206 -22.85 -1.60 -32.15
N GLY B 207 -23.05 -1.38 -33.46
CA GLY B 207 -24.30 -0.80 -33.94
C GLY B 207 -24.56 0.58 -33.39
N ASP B 208 -23.50 1.33 -33.09
CA ASP B 208 -23.60 2.66 -32.49
C ASP B 208 -24.40 2.64 -31.19
N ALA B 209 -24.32 1.50 -30.49
CA ALA B 209 -24.93 1.36 -29.18
C ALA B 209 -24.38 2.40 -28.20
N ASN B 210 -25.24 2.86 -27.29
CA ASN B 210 -24.75 3.62 -26.15
C ASN B 210 -23.78 2.74 -25.37
N VAL B 211 -22.77 3.37 -24.78
CA VAL B 211 -21.80 2.69 -23.94
C VAL B 211 -21.76 3.40 -22.60
N SER B 212 -21.13 2.77 -21.62
CA SER B 212 -20.88 3.39 -20.32
C SER B 212 -19.42 3.22 -19.92
N VAL B 213 -18.92 4.16 -19.12
CA VAL B 213 -17.52 4.20 -18.70
C VAL B 213 -17.42 4.08 -17.18
N VAL B 214 -16.63 3.10 -16.72
CA VAL B 214 -16.25 2.96 -15.32
C VAL B 214 -14.78 3.29 -15.18
N SER B 215 -14.44 4.17 -14.26
CA SER B 215 -13.07 4.65 -14.12
C SER B 215 -12.61 4.60 -12.67
N TRP B 216 -11.28 4.62 -12.50
CA TRP B 216 -10.66 4.61 -11.19
C TRP B 216 -9.55 5.65 -11.18
N SER B 217 -9.56 6.52 -10.17
CA SER B 217 -8.52 7.53 -9.98
C SER B 217 -8.44 8.41 -11.22
N GLN B 218 -7.29 8.54 -11.86
CA GLN B 218 -7.12 9.44 -13.00
C GLN B 218 -8.02 9.09 -14.18
N GLY B 219 -8.52 7.85 -14.23
CA GLY B 219 -9.44 7.48 -15.30
C GLY B 219 -10.61 8.45 -15.44
N GLY B 220 -11.13 8.93 -14.31
CA GLY B 220 -12.24 9.86 -14.37
C GLY B 220 -11.79 11.22 -14.86
N LEU B 221 -10.63 11.68 -14.39
CA LEU B 221 -9.98 12.83 -15.01
C LEU B 221 -9.85 12.64 -16.53
N ASP B 222 -9.34 11.49 -16.97
CA ASP B 222 -9.15 11.27 -18.39
C ASP B 222 -10.48 11.24 -19.13
N THR B 223 -11.55 10.84 -18.46
CA THR B 223 -12.87 10.76 -19.09
C THR B 223 -13.54 12.13 -19.13
N GLN B 224 -13.43 12.92 -18.06
CA GLN B 224 -13.92 14.30 -18.13
C GLN B 224 -13.20 15.08 -19.22
N TRP B 225 -11.89 14.88 -19.34
CA TRP B 225 -11.12 15.53 -20.39
C TRP B 225 -11.65 15.13 -21.76
N ALA B 226 -11.89 13.84 -21.97
CA ALA B 226 -12.41 13.38 -23.24
C ALA B 226 -13.76 14.04 -23.56
N PHE B 227 -14.70 14.01 -22.60
CA PHE B 227 -16.00 14.68 -22.76
C PHE B 227 -15.81 16.15 -23.10
N THR B 228 -14.89 16.83 -22.41
CA THR B 228 -14.71 18.27 -22.59
C THR B 228 -14.24 18.62 -24.00
N TYR B 229 -13.31 17.84 -24.58
CA TYR B 229 -12.64 18.26 -25.80
C TYR B 229 -12.98 17.41 -27.01
N TRP B 230 -13.63 16.25 -26.82
CA TRP B 230 -14.22 15.47 -27.91
C TRP B 230 -15.73 15.42 -27.67
N PRO B 231 -16.46 16.49 -28.01
CA PRO B 231 -17.91 16.51 -27.73
C PRO B 231 -18.67 15.36 -28.37
N SER B 232 -18.19 14.82 -29.51
CA SER B 232 -18.84 13.71 -30.19
C SER B 232 -19.02 12.49 -29.28
N THR B 233 -18.33 12.46 -28.15
CA THR B 233 -18.39 11.34 -27.23
C THR B 233 -19.53 11.43 -26.23
N ARG B 234 -20.04 12.65 -25.99
CA ARG B 234 -21.06 12.86 -24.98
C ARG B 234 -22.38 12.14 -25.33
N ALA B 235 -22.79 12.20 -26.59
CA ALA B 235 -24.06 11.59 -26.98
C ALA B 235 -24.04 10.07 -26.90
N LEU B 236 -22.89 9.45 -26.63
CA LEU B 236 -22.78 8.00 -26.72
C LEU B 236 -22.66 7.31 -25.37
N VAL B 237 -22.54 8.04 -24.27
CA VAL B 237 -22.27 7.45 -22.96
C VAL B 237 -23.53 7.56 -22.10
N SER B 238 -24.15 6.42 -21.80
CA SER B 238 -25.27 6.41 -20.85
C SER B 238 -24.80 6.74 -19.44
N ASP B 239 -23.79 6.03 -18.93
CA ASP B 239 -23.37 6.16 -17.54
C ASP B 239 -21.86 6.34 -17.40
N PHE B 240 -21.47 7.30 -16.58
CA PHE B 240 -20.09 7.49 -16.15
C PHE B 240 -20.05 7.24 -14.64
N VAL B 241 -19.43 6.14 -14.23
CA VAL B 241 -19.31 5.77 -12.82
C VAL B 241 -17.85 5.86 -12.41
N PRO B 242 -17.37 7.04 -12.01
CA PRO B 242 -15.97 7.15 -11.55
C PRO B 242 -15.82 6.74 -10.09
N VAL B 243 -14.88 5.82 -9.82
CA VAL B 243 -14.54 5.34 -8.48
C VAL B 243 -13.25 6.00 -8.03
N SER B 244 -13.27 6.64 -6.87
CA SER B 244 -12.14 7.40 -6.33
C SER B 244 -11.62 8.46 -7.31
N PRO B 245 -12.47 9.19 -8.03
CA PRO B 245 -11.93 10.15 -9.01
C PRO B 245 -11.26 11.31 -8.30
N ASP B 246 -10.45 12.04 -9.06
CA ASP B 246 -9.77 13.22 -8.57
C ASP B 246 -10.01 14.38 -9.55
N PHE B 247 -11.26 14.86 -9.60
CA PHE B 247 -11.63 15.92 -10.53
C PHE B 247 -10.99 17.27 -10.20
N HIS B 248 -10.39 17.43 -9.03
CA HIS B 248 -9.62 18.63 -8.74
C HIS B 248 -8.16 18.30 -8.46
N GLY B 249 -7.72 17.08 -8.76
CA GLY B 249 -6.36 16.67 -8.47
C GLY B 249 -6.24 16.19 -7.03
N THR B 250 -5.06 16.42 -6.46
CA THR B 250 -4.77 15.94 -5.12
C THR B 250 -3.57 16.74 -4.62
N VAL B 251 -3.70 17.29 -3.41
CA VAL B 251 -2.59 18.05 -2.87
C VAL B 251 -1.41 17.14 -2.57
N LEU B 252 -1.65 15.84 -2.45
CA LEU B 252 -0.58 14.89 -2.17
C LEU B 252 0.46 14.88 -3.29
N ALA B 253 0.03 15.16 -4.53
CA ALA B 253 0.98 15.27 -5.63
C ALA B 253 1.85 16.52 -5.51
N ASN B 254 1.26 17.66 -5.12
CA ASN B 254 2.07 18.85 -4.86
C ASN B 254 3.13 18.59 -3.80
N VAL B 255 2.77 17.85 -2.76
CA VAL B 255 3.70 17.61 -1.66
C VAL B 255 4.79 16.65 -2.08
N ILE B 256 4.42 15.52 -2.69
CA ILE B 256 5.38 14.48 -3.03
C ILE B 256 6.32 14.92 -4.15
N CYS B 257 5.89 15.88 -4.98
CA CYS B 257 6.70 16.37 -6.08
C CYS B 257 7.29 17.74 -5.79
N LEU B 258 7.19 18.18 -4.53
CA LEU B 258 7.76 19.48 -4.09
C LEU B 258 7.45 20.49 -5.17
N ASN B 259 6.20 20.55 -5.58
CA ASN B 259 5.86 21.37 -6.76
C ASN B 259 4.90 22.50 -6.41
N PRO B 260 5.13 23.72 -6.95
CA PRO B 260 4.24 24.84 -6.71
C PRO B 260 2.95 24.59 -7.48
N GLY B 261 3.04 23.84 -8.58
CA GLY B 261 1.86 23.62 -9.42
C GLY B 261 1.80 24.73 -10.45
N ALA B 262 0.67 24.88 -11.13
CA ALA B 262 0.50 25.98 -12.09
C ALA B 262 1.60 25.87 -13.14
N GLY B 263 2.01 24.64 -13.46
CA GLY B 263 3.02 24.41 -14.49
C GLY B 263 4.38 24.78 -13.97
N GLY B 264 4.46 25.00 -12.68
CA GLY B 264 5.72 25.49 -12.11
C GLY B 264 6.79 24.43 -12.09
N VAL B 265 8.01 24.82 -12.37
CA VAL B 265 9.09 23.82 -12.19
C VAL B 265 9.11 23.57 -10.69
N GLY B 266 9.08 22.31 -10.28
CA GLY B 266 9.20 21.99 -8.85
C GLY B 266 10.50 21.27 -8.65
N LEU B 267 10.78 20.88 -7.40
CA LEU B 267 12.09 20.25 -7.13
C LEU B 267 11.94 18.73 -7.10
N GLY B 268 10.72 18.21 -7.24
CA GLY B 268 10.59 16.77 -7.28
C GLY B 268 10.28 16.24 -8.66
N PRO B 269 11.16 15.39 -9.19
CA PRO B 269 10.87 14.76 -10.49
C PRO B 269 9.74 13.77 -10.34
N CYS B 270 8.69 13.95 -11.12
CA CYS B 270 7.55 13.06 -11.09
C CYS B 270 7.13 12.69 -12.50
N ALA B 271 6.35 11.62 -12.59
CA ALA B 271 5.77 11.22 -13.86
C ALA B 271 4.88 12.34 -14.40
N PRO B 272 4.78 12.48 -15.72
CA PRO B 272 3.94 13.56 -16.27
C PRO B 272 2.53 13.58 -15.69
N ALA B 273 1.85 12.43 -15.68
CA ALA B 273 0.48 12.40 -15.17
C ALA B 273 0.42 12.79 -13.69
N VAL B 274 1.47 12.50 -12.91
CA VAL B 274 1.45 12.84 -11.48
C VAL B 274 1.44 14.34 -11.29
N LEU B 275 2.36 15.04 -11.98
CA LEU B 275 2.38 16.51 -11.95
C LEU B 275 1.10 17.12 -12.49
N GLN B 276 0.46 16.48 -13.47
CA GLN B 276 -0.79 16.99 -13.99
C GLN B 276 -1.96 16.79 -13.04
N GLN B 277 -1.83 15.88 -12.08
CA GLN B 277 -2.84 15.68 -11.07
C GLN B 277 -2.56 16.45 -9.80
N GLU B 278 -1.62 17.41 -9.84
CA GLU B 278 -1.51 18.35 -8.74
C GLU B 278 -2.78 19.17 -8.64
N TYR B 279 -3.07 19.64 -7.41
CA TYR B 279 -4.38 20.20 -7.11
C TYR B 279 -4.67 21.45 -7.94
N ASN B 280 -3.64 22.25 -8.17
CA ASN B 280 -3.74 23.49 -8.92
C ASN B 280 -3.01 23.43 -10.26
N SER B 281 -2.84 22.22 -10.83
CA SER B 281 -2.05 22.10 -12.05
C SER B 281 -2.74 22.78 -13.23
N ASN B 282 -1.93 23.14 -14.22
CA ASN B 282 -2.44 23.66 -15.48
C ASN B 282 -3.50 22.72 -16.06
N PHE B 283 -3.17 21.43 -16.13
CA PHE B 283 -4.11 20.43 -16.62
C PHE B 283 -5.46 20.52 -15.89
N VAL B 284 -5.42 20.44 -14.55
CA VAL B 284 -6.67 20.45 -13.80
C VAL B 284 -7.37 21.80 -13.94
N THR B 285 -6.63 22.89 -13.73
CA THR B 285 -7.20 24.22 -13.89
C THR B 285 -7.89 24.38 -15.25
N ALA B 286 -7.24 23.90 -16.32
CA ALA B 286 -7.79 24.07 -17.67
C ALA B 286 -9.03 23.20 -17.88
N LEU B 287 -8.96 21.94 -17.47
CA LEU B 287 -10.13 21.06 -17.57
C LEU B 287 -11.32 21.66 -16.84
N ARG B 288 -11.11 22.12 -15.61
CA ARG B 288 -12.24 22.65 -14.84
C ARG B 288 -12.78 23.93 -15.49
N ALA B 289 -11.88 24.84 -15.89
CA ALA B 289 -12.32 26.07 -16.55
C ALA B 289 -13.10 25.79 -17.82
N ALA B 290 -12.68 24.79 -18.59
CA ALA B 290 -13.35 24.43 -19.84
C ALA B 290 -14.64 23.65 -19.61
N GLY B 291 -15.13 23.60 -18.37
CA GLY B 291 -16.38 22.94 -18.07
C GLY B 291 -16.27 21.50 -17.62
N GLY B 292 -15.10 21.06 -17.16
CA GLY B 292 -14.92 19.68 -16.76
C GLY B 292 -15.29 19.36 -15.34
N ALA B 293 -15.53 20.37 -14.51
CA ALA B 293 -15.93 20.11 -13.13
C ALA B 293 -17.42 19.78 -13.00
N ASP B 294 -18.15 19.72 -14.11
CA ASP B 294 -19.55 19.34 -14.12
C ASP B 294 -19.75 18.13 -15.01
N ALA B 295 -20.77 17.34 -14.71
CA ALA B 295 -21.05 16.13 -15.48
C ALA B 295 -21.57 16.49 -16.87
N TYR B 296 -21.37 15.57 -17.83
CA TYR B 296 -21.87 15.77 -19.21
C TYR B 296 -22.88 14.66 -19.47
N VAL B 297 -22.74 13.56 -18.74
CA VAL B 297 -23.64 12.38 -18.87
C VAL B 297 -24.04 12.00 -17.45
N PRO B 298 -25.09 11.19 -17.21
CA PRO B 298 -25.39 10.81 -15.84
C PRO B 298 -24.13 10.26 -15.17
N THR B 299 -23.73 10.86 -14.05
CA THR B 299 -22.43 10.49 -13.43
C THR B 299 -22.63 10.00 -11.99
N THR B 300 -22.16 8.80 -11.69
CA THR B 300 -22.27 8.22 -10.33
C THR B 300 -20.86 8.14 -9.73
N SER B 301 -20.45 9.18 -9.00
CA SER B 301 -19.10 9.22 -8.42
C SER B 301 -19.10 8.63 -7.01
N VAL B 302 -18.21 7.67 -6.77
CA VAL B 302 -18.10 6.98 -5.51
C VAL B 302 -16.70 7.19 -4.96
N PHE B 303 -16.60 7.70 -3.72
CA PHE B 303 -15.31 7.99 -3.10
C PHE B 303 -15.36 7.71 -1.61
N SER B 304 -14.17 7.52 -1.03
CA SER B 304 -14.02 7.24 0.41
C SER B 304 -13.49 8.47 1.13
N GLY B 305 -14.26 8.98 2.09
CA GLY B 305 -13.84 10.07 2.96
C GLY B 305 -12.98 9.64 4.11
N PHE B 306 -12.68 8.34 4.20
CA PHE B 306 -11.79 7.84 5.23
C PHE B 306 -11.37 6.43 4.83
N LEU B 307 -10.17 6.29 4.28
CA LEU B 307 -9.26 7.41 4.06
C LEU B 307 -8.56 7.22 2.74
N ASP B 308 -8.75 8.15 1.81
CA ASP B 308 -8.09 8.04 0.51
C ASP B 308 -6.65 8.50 0.65
N GLU B 309 -5.70 7.56 0.57
CA GLU B 309 -4.30 7.87 0.78
C GLU B 309 -3.65 8.54 -0.41
N ILE B 310 -4.35 8.62 -1.54
CA ILE B 310 -3.83 9.15 -2.80
C ILE B 310 -4.40 10.52 -3.12
N VAL B 311 -5.71 10.67 -2.96
CA VAL B 311 -6.43 11.88 -3.34
C VAL B 311 -6.91 12.58 -2.09
N GLN B 312 -6.45 13.82 -1.90
CA GLN B 312 -6.93 14.65 -0.80
C GLN B 312 -7.10 16.06 -1.35
N PRO B 313 -8.16 16.78 -0.97
CA PRO B 313 -9.32 16.42 -0.16
C PRO B 313 -10.27 15.41 -0.81
N GLN B 314 -10.91 14.58 0.01
CA GLN B 314 -11.78 13.52 -0.50
C GLN B 314 -12.96 13.30 0.44
N SER B 315 -13.59 14.39 0.89
CA SER B 315 -14.72 14.26 1.80
C SER B 315 -15.57 15.52 1.74
N GLY B 316 -16.89 15.34 1.85
CA GLY B 316 -17.82 16.44 1.72
C GLY B 316 -17.96 16.89 0.27
N THR B 317 -18.55 18.07 0.13
CA THR B 317 -18.74 18.63 -1.21
C THR B 317 -17.44 19.12 -1.81
N GLY B 318 -16.46 19.46 -0.96
CA GLY B 318 -15.12 19.86 -1.36
C GLY B 318 -14.20 18.72 -1.75
N ALA B 319 -14.73 17.49 -1.77
CA ALA B 319 -13.94 16.35 -2.20
C ALA B 319 -13.54 16.49 -3.67
N SER B 320 -12.28 16.17 -3.95
CA SER B 320 -11.82 16.17 -5.34
C SER B 320 -12.71 15.30 -6.21
N ALA B 321 -13.29 14.24 -5.63
CA ALA B 321 -14.16 13.39 -6.40
C ALA B 321 -15.54 14.00 -6.67
N TYR B 322 -15.84 15.17 -6.11
CA TYR B 322 -17.19 15.71 -6.20
C TYR B 322 -17.40 16.31 -7.59
N ILE B 323 -18.39 15.79 -8.31
CA ILE B 323 -18.79 16.29 -9.62
C ILE B 323 -20.02 17.18 -9.46
N ASN B 324 -20.03 18.32 -10.16
CA ASN B 324 -21.18 19.21 -10.11
C ASN B 324 -22.14 18.86 -11.25
N ASP B 325 -23.25 19.59 -11.34
CA ASP B 325 -24.27 19.31 -12.35
C ASP B 325 -24.93 20.58 -12.85
N ALA B 326 -24.12 21.58 -13.21
CA ALA B 326 -24.65 22.81 -13.80
C ALA B 326 -25.37 22.57 -15.13
N ARG B 327 -25.33 21.34 -15.66
CA ARG B 327 -26.00 21.00 -16.91
C ARG B 327 -27.28 20.21 -16.69
N GLY B 328 -27.57 19.82 -15.46
CA GLY B 328 -28.79 19.08 -15.17
C GLY B 328 -28.87 17.73 -15.83
N VAL B 329 -27.76 17.01 -15.93
CA VAL B 329 -27.76 15.71 -16.60
C VAL B 329 -27.98 14.56 -15.64
N GLY B 330 -27.85 14.78 -14.33
CA GLY B 330 -28.03 13.71 -13.35
C GLY B 330 -26.73 13.37 -12.66
N THR B 331 -26.72 13.37 -11.33
CA THR B 331 -25.47 13.37 -10.56
C THR B 331 -25.68 12.73 -9.20
N THR B 332 -24.79 11.80 -8.84
CA THR B 332 -24.77 11.18 -7.53
C THR B 332 -23.34 11.24 -7.00
N ASN B 333 -23.17 11.79 -5.80
CA ASN B 333 -21.87 11.93 -5.17
C ASN B 333 -21.88 11.10 -3.90
N ALA B 334 -21.53 9.82 -4.02
CA ALA B 334 -21.69 8.86 -2.93
C ALA B 334 -20.40 8.73 -2.11
N GLU B 335 -20.38 9.36 -0.93
CA GLU B 335 -19.34 9.11 0.06
C GLU B 335 -19.68 7.86 0.86
N VAL B 336 -18.86 6.82 0.74
CA VAL B 336 -19.27 5.52 1.26
C VAL B 336 -19.40 5.54 2.79
N GLN B 337 -18.65 6.41 3.49
CA GLN B 337 -18.77 6.49 4.95
C GLN B 337 -20.03 7.24 5.38
N VAL B 338 -20.57 8.08 4.50
CA VAL B 338 -21.80 8.81 4.79
C VAL B 338 -23.03 7.97 4.46
N VAL B 339 -23.11 7.48 3.22
CA VAL B 339 -24.27 6.70 2.79
C VAL B 339 -24.48 5.48 3.68
N CYS B 340 -23.40 4.86 4.16
CA CYS B 340 -23.51 3.65 4.97
C CYS B 340 -23.25 3.90 6.46
N LYS B 341 -23.50 5.13 6.92
CA LYS B 341 -23.29 5.46 8.32
C LYS B 341 -24.16 4.60 9.22
N GLY B 342 -23.52 3.90 10.16
CA GLY B 342 -24.21 3.06 11.11
C GLY B 342 -24.95 1.86 10.55
N LYS B 343 -24.78 1.58 9.26
CA LYS B 343 -25.49 0.48 8.63
C LYS B 343 -24.59 -0.70 8.26
N GLY B 344 -23.33 -0.72 8.75
CA GLY B 344 -22.50 -1.89 8.62
C GLY B 344 -21.06 -1.63 8.19
N PRO B 345 -20.33 -2.69 7.89
CA PRO B 345 -18.88 -2.54 7.62
C PRO B 345 -18.57 -1.72 6.39
N ALA B 346 -19.44 -1.73 5.37
CA ALA B 346 -19.19 -0.96 4.16
C ALA B 346 -19.14 0.54 4.42
N GLY B 347 -19.54 0.98 5.61
CA GLY B 347 -19.33 2.34 6.08
C GLY B 347 -17.99 2.58 6.76
N GLY B 348 -17.15 1.57 6.79
CA GLY B 348 -15.88 1.69 7.54
C GLY B 348 -14.70 2.24 6.77
N PHE B 349 -13.51 1.78 7.11
CA PHE B 349 -12.27 2.32 6.51
C PHE B 349 -12.04 1.68 5.15
N TYR B 350 -12.11 2.50 4.10
CA TYR B 350 -11.81 1.99 2.73
C TYR B 350 -10.75 2.88 2.10
N THR B 351 -9.64 2.28 1.67
CA THR B 351 -8.57 3.02 1.02
C THR B 351 -8.99 3.45 -0.39
N HIS B 352 -8.14 4.30 -1.00
CA HIS B 352 -8.35 4.75 -2.37
C HIS B 352 -8.64 3.58 -3.30
N GLU B 353 -8.00 2.45 -3.06
CA GLU B 353 -8.09 1.26 -3.90
C GLU B 353 -9.05 0.20 -3.35
N SER B 354 -9.18 0.07 -2.02
CA SER B 354 -10.12 -0.94 -1.51
C SER B 354 -11.57 -0.56 -1.78
N LEU B 355 -11.83 0.72 -2.09
CA LEU B 355 -13.19 1.12 -2.46
C LEU B 355 -13.70 0.37 -3.68
N LEU B 356 -12.82 -0.18 -4.50
CA LEU B 356 -13.27 -0.89 -5.69
C LEU B 356 -13.98 -2.20 -5.35
N VAL B 357 -13.86 -2.69 -4.12
CA VAL B 357 -14.54 -3.93 -3.72
C VAL B 357 -15.63 -3.66 -2.67
N ASN B 358 -15.84 -2.41 -2.28
CA ASN B 358 -16.94 -2.06 -1.41
C ASN B 358 -18.26 -2.52 -2.03
N PRO B 359 -19.20 -3.03 -1.22
CA PRO B 359 -20.52 -3.40 -1.78
C PRO B 359 -21.40 -2.22 -2.17
N LEU B 360 -21.16 -1.01 -1.65
CA LEU B 360 -21.91 0.13 -2.12
C LEU B 360 -21.46 0.55 -3.51
N THR B 361 -20.14 0.55 -3.75
CA THR B 361 -19.59 0.77 -5.07
C THR B 361 -20.31 -0.07 -6.11
N TYR B 362 -20.34 -1.39 -5.88
CA TYR B 362 -20.98 -2.30 -6.81
C TYR B 362 -22.48 -2.03 -6.91
N ALA B 363 -23.14 -1.73 -5.80
CA ALA B 363 -24.59 -1.51 -5.83
C ALA B 363 -24.92 -0.30 -6.70
N LEU B 364 -24.26 0.84 -6.45
CA LEU B 364 -24.55 2.04 -7.23
C LEU B 364 -24.17 1.88 -8.69
N LEU B 365 -23.19 1.02 -9.00
CA LEU B 365 -22.82 0.81 -10.40
C LEU B 365 -23.87 0.00 -11.13
N VAL B 366 -24.40 -1.05 -10.49
CA VAL B 366 -25.42 -1.87 -11.14
C VAL B 366 -26.72 -1.09 -11.25
N ASP B 367 -27.02 -0.25 -10.27
CA ASP B 367 -28.22 0.57 -10.34
C ASP B 367 -28.13 1.55 -11.51
N ALA B 368 -27.00 2.26 -11.60
CA ALA B 368 -26.80 3.22 -12.69
C ALA B 368 -26.94 2.57 -14.07
N LEU B 369 -26.55 1.31 -14.20
CA LEU B 369 -26.60 0.64 -15.50
C LEU B 369 -27.98 0.07 -15.83
N THR B 370 -28.91 0.04 -14.87
CA THR B 370 -30.22 -0.59 -15.07
C THR B 370 -31.37 0.40 -14.99
N HIS B 371 -31.09 1.70 -14.96
CA HIS B 371 -32.11 2.74 -14.96
C HIS B 371 -31.55 3.94 -15.69
N ASP B 372 -32.43 4.65 -16.40
CA ASP B 372 -32.09 5.99 -16.84
C ASP B 372 -31.55 6.79 -15.66
N GLY B 373 -30.54 7.60 -15.92
CA GLY B 373 -29.95 8.46 -14.91
C GLY B 373 -28.85 7.79 -14.13
N PRO B 374 -28.33 8.49 -13.12
CA PRO B 374 -27.23 7.96 -12.31
C PRO B 374 -27.72 6.91 -11.31
N GLY B 375 -26.75 6.24 -10.70
CA GLY B 375 -27.09 5.35 -9.60
C GLY B 375 -27.70 6.12 -8.44
N SER B 376 -28.71 5.54 -7.80
CA SER B 376 -29.50 6.21 -6.76
C SER B 376 -29.45 5.43 -5.45
N VAL B 377 -29.13 6.13 -4.36
CA VAL B 377 -29.04 5.44 -3.06
C VAL B 377 -30.41 5.02 -2.58
N ASP B 378 -31.47 5.76 -2.94
CA ASP B 378 -32.80 5.43 -2.43
C ASP B 378 -33.37 4.15 -3.02
N ARG B 379 -32.98 3.78 -4.24
CA ARG B 379 -33.41 2.49 -4.79
C ARG B 379 -32.72 1.32 -4.12
N LEU B 380 -31.77 1.56 -3.22
CA LEU B 380 -30.95 0.52 -2.62
C LEU B 380 -31.46 0.16 -1.24
N ASP B 381 -31.42 -1.13 -0.93
CA ASP B 381 -31.61 -1.57 0.44
C ASP B 381 -30.26 -1.37 1.13
N LEU B 382 -30.10 -0.16 1.68
CA LEU B 382 -28.82 0.20 2.30
C LEU B 382 -28.49 -0.73 3.45
N ASP B 383 -29.50 -1.32 4.10
CA ASP B 383 -29.21 -2.22 5.22
C ASP B 383 -28.62 -3.54 4.73
N THR B 384 -29.05 -4.03 3.57
CA THR B 384 -28.40 -5.20 2.98
C THR B 384 -27.05 -4.84 2.38
N VAL B 385 -26.99 -3.71 1.67
CA VAL B 385 -25.78 -3.35 0.92
C VAL B 385 -24.63 -3.07 1.87
N CYS B 386 -24.84 -2.15 2.82
CA CYS B 386 -23.82 -1.74 3.75
C CYS B 386 -23.43 -2.82 4.75
N SER B 387 -23.96 -4.03 4.66
CA SER B 387 -23.76 -5.01 5.70
C SER B 387 -22.57 -5.94 5.43
N THR B 388 -21.96 -5.88 4.25
CA THR B 388 -20.81 -6.71 3.97
C THR B 388 -19.56 -5.83 3.75
N VAL B 389 -18.43 -6.51 3.69
CA VAL B 389 -17.14 -5.85 3.51
C VAL B 389 -16.75 -5.83 2.03
N VAL B 390 -17.03 -6.90 1.30
CA VAL B 390 -16.81 -6.95 -0.14
C VAL B 390 -18.17 -7.02 -0.82
N ALA B 391 -18.16 -6.84 -2.14
CA ALA B 391 -19.38 -6.96 -2.91
C ALA B 391 -19.79 -8.43 -3.01
N PRO B 392 -21.11 -8.70 -3.07
CA PRO B 392 -21.59 -10.07 -2.86
C PRO B 392 -21.01 -11.14 -3.80
N GLY B 393 -20.37 -10.79 -4.90
CA GLY B 393 -19.72 -11.84 -5.64
C GLY B 393 -18.28 -12.13 -5.22
N LEU B 394 -17.64 -11.17 -4.57
CA LEU B 394 -16.21 -11.26 -4.30
C LEU B 394 -15.95 -11.85 -2.92
N GLY B 395 -14.78 -12.47 -2.78
CA GLY B 395 -14.32 -12.93 -1.50
C GLY B 395 -13.50 -11.87 -0.79
N LEU B 396 -13.07 -12.21 0.43
CA LEU B 396 -12.12 -11.35 1.12
C LEU B 396 -10.76 -11.39 0.45
N ASP B 397 -10.49 -12.42 -0.36
CA ASP B 397 -9.28 -12.46 -1.17
C ASP B 397 -9.20 -11.27 -2.12
N ALA B 398 -10.35 -10.72 -2.51
CA ALA B 398 -10.34 -9.53 -3.37
C ALA B 398 -9.77 -8.33 -2.62
N LEU B 399 -9.92 -8.30 -1.30
CA LEU B 399 -9.33 -7.19 -0.51
C LEU B 399 -7.80 -7.25 -0.61
N LEU B 400 -7.21 -8.43 -0.45
CA LEU B 400 -5.74 -8.59 -0.60
C LEU B 400 -5.31 -8.32 -2.04
N GLU B 401 -6.05 -8.80 -3.03
CA GLU B 401 -5.64 -8.65 -4.45
C GLU B 401 -5.60 -7.17 -4.81
N ILE B 402 -6.63 -6.41 -4.43
CA ILE B 402 -6.64 -5.00 -4.76
C ILE B 402 -5.49 -4.26 -4.08
N GLU B 403 -5.01 -4.74 -2.94
CA GLU B 403 -3.86 -4.07 -2.36
C GLU B 403 -2.59 -4.37 -3.16
N GLY B 404 -2.49 -5.57 -3.73
CA GLY B 404 -1.38 -5.86 -4.62
C GLY B 404 -1.48 -5.11 -5.94
N VAL B 405 -2.70 -4.82 -6.40
CA VAL B 405 -2.87 -3.96 -7.55
C VAL B 405 -2.32 -2.56 -7.23
N ASN B 406 -2.59 -2.06 -6.04
CA ASN B 406 -2.15 -0.72 -5.68
C ASN B 406 -0.63 -0.67 -5.41
N VAL B 407 -0.03 -1.80 -5.03
CA VAL B 407 1.41 -1.80 -4.78
C VAL B 407 2.19 -1.77 -6.09
N LEU B 408 1.72 -2.52 -7.08
CA LEU B 408 2.33 -2.43 -8.39
C LEU B 408 2.20 -1.01 -8.94
N ALA B 409 1.05 -0.36 -8.71
CA ALA B 409 0.87 1.00 -9.22
C ALA B 409 1.74 1.99 -8.46
N ALA B 410 1.82 1.84 -7.13
CA ALA B 410 2.72 2.68 -6.35
C ALA B 410 4.16 2.54 -6.81
N VAL B 411 4.62 1.30 -7.02
CA VAL B 411 5.98 1.09 -7.50
C VAL B 411 6.21 1.83 -8.82
N ASN B 412 5.27 1.67 -9.76
CA ASN B 412 5.39 2.32 -11.07
C ASN B 412 5.60 3.82 -10.93
N LEU B 413 4.85 4.45 -10.02
CA LEU B 413 4.94 5.90 -9.84
C LEU B 413 6.35 6.33 -9.47
N LEU B 414 7.04 5.54 -8.63
CA LEU B 414 8.36 5.90 -8.13
C LEU B 414 9.51 5.42 -9.01
N THR B 415 9.27 4.44 -9.88
CA THR B 415 10.32 3.84 -10.70
C THR B 415 10.20 4.17 -12.18
N TYR B 416 9.17 4.89 -12.61
CA TYR B 416 9.03 5.24 -14.02
C TYR B 416 10.23 6.09 -14.45
N SER B 417 10.76 5.81 -15.65
CA SER B 417 11.98 6.51 -16.03
C SER B 417 11.72 7.96 -16.39
N ASP B 418 10.54 8.25 -16.95
CA ASP B 418 10.22 9.63 -17.42
C ASP B 418 9.78 10.51 -16.25
N ARG B 419 10.73 10.91 -15.42
CA ARG B 419 10.41 11.77 -14.26
C ARG B 419 10.80 13.19 -14.63
N ARG B 420 9.91 14.14 -14.38
CA ARG B 420 10.15 15.52 -14.84
C ARG B 420 9.92 16.54 -13.74
N LEU B 421 10.49 17.73 -13.91
CA LEU B 421 10.32 18.83 -12.98
C LEU B 421 9.08 19.68 -13.26
N ALA B 422 8.51 19.61 -14.45
CA ALA B 422 7.45 20.51 -14.83
C ALA B 422 6.42 19.74 -15.63
N GLU B 423 5.15 20.04 -15.39
CA GLU B 423 4.07 19.30 -16.03
C GLU B 423 4.02 19.60 -17.54
N PRO B 424 3.60 18.62 -18.35
CA PRO B 424 3.55 18.81 -19.81
C PRO B 424 2.83 20.09 -20.18
N ALA B 425 3.25 20.69 -21.29
CA ALA B 425 2.57 21.87 -21.78
C ALA B 425 1.14 21.52 -22.18
N LEU B 426 0.24 22.49 -21.99
CA LEU B 426 -1.14 22.27 -22.40
C LEU B 426 -1.21 22.18 -23.91
N MET B 427 -1.90 21.16 -24.42
CA MET B 427 -2.26 21.09 -25.83
C MET B 427 -2.88 22.41 -26.28
N SER B 428 -2.75 22.69 -27.59
CA SER B 428 -3.24 23.97 -28.10
C SER B 428 -4.75 24.11 -27.95
N TYR B 429 -5.50 23.01 -28.14
CA TYR B 429 -6.95 23.07 -27.98
C TYR B 429 -7.39 23.36 -26.55
N ALA B 430 -6.54 23.11 -25.54
CA ALA B 430 -6.98 23.25 -24.15
C ALA B 430 -6.92 24.67 -23.62
N ALA B 431 -6.09 25.53 -24.22
CA ALA B 431 -5.89 26.91 -23.74
C ALA B 431 -7.18 27.73 -23.75
C1 NAG C . 15.15 -7.85 33.12
C2 NAG C . 14.73 -7.97 34.58
C3 NAG C . 14.82 -9.41 35.05
C4 NAG C . 14.16 -10.38 34.08
C5 NAG C . 14.52 -10.06 32.63
C6 NAG C . 13.70 -10.90 31.67
C7 NAG C . 15.19 -5.98 35.88
C8 NAG C . 16.18 -5.27 36.77
N2 NAG C . 15.58 -7.16 35.42
O3 NAG C . 14.18 -9.50 36.33
O4 NAG C . 14.65 -11.69 34.37
O5 NAG C . 14.31 -8.68 32.33
O6 NAG C . 12.35 -10.43 31.67
O7 NAG C . 14.11 -5.50 35.61
C1 NAG C . 13.60 -12.55 34.87
C2 NAG C . 14.08 -13.98 34.73
C3 NAG C . 13.13 -14.97 35.38
C4 NAG C . 12.86 -14.53 36.81
C5 NAG C . 12.32 -13.11 36.80
C6 NAG C . 12.00 -12.63 38.20
C7 NAG C . 15.45 -14.38 32.75
C8 NAG C . 15.48 -15.07 31.42
N2 NAG C . 14.25 -14.31 33.33
O3 NAG C . 13.69 -16.28 35.37
O4 NAG C . 11.91 -15.41 37.42
O5 NAG C . 13.31 -12.26 36.23
O6 NAG C . 12.74 -11.44 38.45
O7 NAG C . 16.45 -13.92 33.26
CA CA D . 6.53 -4.74 31.70
CA CA E . -28.25 5.00 -16.15
#